data_6EKO
#
_entry.id   6EKO
#
_cell.length_a   56.279
_cell.length_b   91.663
_cell.length_c   152.742
_cell.angle_alpha   90.00
_cell.angle_beta   90.00
_cell.angle_gamma   90.00
#
_symmetry.space_group_name_H-M   'P 21 21 21'
#
loop_
_entity.id
_entity.type
_entity.pdbx_description
1 polymer 'Restriction endonuclease PfoI'
2 polymer "DNA (5'-D(*CP*GP*CP*TP*CP*CP*CP*GP*GP*AP*GP*CP*GP*T)-3')"
3 non-polymer 'CALCIUM ION'
4 water water
#
loop_
_entity_poly.entity_id
_entity_poly.type
_entity_poly.pdbx_seq_one_letter_code
_entity_poly.pdbx_strand_id
1 'polypeptide(L)'
;(MSE)QKYRLYEKDGSPVQDFNRFVKGWLDIEFGLKEHQPPKVFDTIRDKYNEAIEAVVLSGVAPRTAHKAALSTLTELL
FGHDLAKELSARLDIQPIGVGGFRSAHSQAFAKNVGENFVNL(MSE)VYALACILKDNDDVLVDKGLPPHLKKALTLSRE
CRIKDTLREIKIPIEGDLCVFSRSNH(CME)NAIVISAATRLKEVFHIGT(MSE)WALFSDVAKDEYCLNKWGLKVESSE
SLKDT(MSE)YVFATAD(MSE)INKDGARSQGCDVERETPRNLIA(MSE)DASFFDYVFVSK(MSE)GIGHVSSDLSLKY
GRESLFHELGCIID(MSE)IEQKFDILL
;
A,B
2 'polydeoxyribonucleotide' (DC)(DG)(DC)(DT)(DC)(DC)(DC)(DG)(DG)(DA)(DG)(DC)(DG)(DT) F,E
#
loop_
_chem_comp.id
_chem_comp.type
_chem_comp.name
_chem_comp.formula
CA non-polymer 'CALCIUM ION' 'Ca 2'
DA DNA linking 2'-DEOXYADENOSINE-5'-MONOPHOSPHATE 'C10 H14 N5 O6 P'
DC DNA linking 2'-DEOXYCYTIDINE-5'-MONOPHOSPHATE 'C9 H14 N3 O7 P'
DG DNA linking 2'-DEOXYGUANOSINE-5'-MONOPHOSPHATE 'C10 H14 N5 O7 P'
DT DNA linking THYMIDINE-5'-MONOPHOSPHATE 'C10 H15 N2 O8 P'
#
# COMPACT_ATOMS: atom_id res chain seq x y z
N MSE A 1 9.44 36.18 10.35
CA MSE A 1 8.20 36.93 10.24
C MSE A 1 7.40 36.82 11.54
O MSE A 1 7.99 36.72 12.62
CB MSE A 1 7.41 36.41 9.04
CG MSE A 1 7.00 34.97 9.20
SE MSE A 1 6.61 34.23 7.44
CE MSE A 1 8.32 33.31 7.00
N GLN A 2 6.08 36.87 11.47
CA GLN A 2 5.29 36.61 12.67
C GLN A 2 4.99 35.11 12.70
N LYS A 3 4.80 34.56 13.90
CA LYS A 3 4.57 33.14 14.08
C LYS A 3 3.45 32.88 15.09
N TYR A 4 2.49 32.05 14.71
CA TYR A 4 1.31 31.83 15.54
C TYR A 4 1.03 30.34 15.84
N ARG A 5 -0.11 30.08 16.49
CA ARG A 5 -0.56 28.74 16.87
C ARG A 5 -1.86 28.39 16.16
N LEU A 6 -2.10 27.10 15.94
CA LEU A 6 -3.40 26.64 15.48
C LEU A 6 -4.21 26.09 16.64
N TYR A 7 -3.53 25.52 17.63
CA TYR A 7 -4.22 24.92 18.77
C TYR A 7 -3.58 25.44 20.05
N GLU A 8 -4.41 25.68 21.06
CA GLU A 8 -3.93 26.05 22.38
C GLU A 8 -3.41 24.79 23.07
N LYS A 9 -2.74 24.97 24.21
CA LYS A 9 -2.07 23.86 24.87
C LYS A 9 -3.05 22.78 25.31
N ASP A 10 -4.35 23.11 25.37
CA ASP A 10 -5.34 22.13 25.75
C ASP A 10 -5.91 21.45 24.51
N GLY A 11 -5.49 21.90 23.33
CA GLY A 11 -5.92 21.28 22.09
C GLY A 11 -7.01 22.03 21.37
N SER A 12 -7.72 22.91 22.07
CA SER A 12 -8.77 23.70 21.45
C SER A 12 -8.20 24.61 20.36
N PRO A 13 -8.94 24.74 19.25
CA PRO A 13 -8.48 25.56 18.13
C PRO A 13 -8.67 27.05 18.40
N VAL A 14 -7.64 27.86 18.18
CA VAL A 14 -7.73 29.30 18.38
C VAL A 14 -8.83 29.91 17.50
N GLN A 15 -9.30 31.08 17.89
CA GLN A 15 -10.31 31.78 17.10
C GLN A 15 -9.76 32.12 15.72
N ASP A 16 -10.64 32.54 14.81
CA ASP A 16 -10.23 32.89 13.45
C ASP A 16 -9.29 31.89 12.79
N PHE A 17 -9.55 30.61 13.08
CA PHE A 17 -8.70 29.48 12.69
C PHE A 17 -8.33 29.46 11.23
N ASN A 18 -9.34 29.42 10.37
CA ASN A 18 -9.14 29.12 8.97
C ASN A 18 -8.25 30.08 8.19
N ARG A 19 -8.16 31.34 8.63
CA ARG A 19 -7.32 32.27 7.89
C ARG A 19 -5.80 32.06 8.43
N PHE A 20 -5.63 31.48 9.61
CA PHE A 20 -4.30 31.14 10.08
C PHE A 20 -3.75 29.97 9.25
N VAL A 21 -4.66 29.15 8.74
CA VAL A 21 -4.28 28.05 7.87
C VAL A 21 -3.91 28.57 6.48
N LYS A 22 -4.74 29.47 5.97
CA LYS A 22 -4.50 30.03 4.65
C LYS A 22 -3.25 30.89 4.63
N GLY A 23 -2.99 31.60 5.72
CA GLY A 23 -1.85 32.50 5.77
C GLY A 23 -0.55 31.75 5.84
N TRP A 24 -0.59 30.61 6.51
CA TRP A 24 0.54 29.69 6.60
C TRP A 24 0.94 29.20 5.22
N LEU A 25 -0.06 28.83 4.42
CA LEU A 25 0.18 28.36 3.07
C LEU A 25 0.55 29.51 2.13
N ASP A 26 0.10 30.71 2.46
CA ASP A 26 0.47 31.92 1.71
C ASP A 26 1.88 32.36 2.09
N ILE A 27 2.41 31.77 3.16
CA ILE A 27 3.69 32.18 3.73
C ILE A 27 3.63 33.68 4.08
N GLU A 28 2.52 34.06 4.72
CA GLU A 28 2.37 35.36 5.37
C GLU A 28 2.98 35.33 6.77
N PHE A 29 2.77 34.21 7.45
CA PHE A 29 3.28 34.01 8.80
C PHE A 29 3.59 32.54 9.06
N GLY A 30 4.29 32.28 10.15
CA GLY A 30 4.66 30.92 10.51
C GLY A 30 3.63 30.31 11.45
N LEU A 31 3.71 28.99 11.61
CA LEU A 31 2.88 28.30 12.60
C LEU A 31 3.73 27.38 13.45
N LYS A 32 3.29 27.15 14.69
CA LYS A 32 3.92 26.17 15.55
C LYS A 32 3.80 24.76 14.97
N GLU A 33 2.60 24.44 14.47
CA GLU A 33 2.23 23.08 14.10
C GLU A 33 2.73 22.62 12.72
N HIS A 34 3.00 23.57 11.83
CA HIS A 34 3.38 23.23 10.47
C HIS A 34 4.60 24.00 9.98
N GLN A 35 5.54 23.26 9.39
CA GLN A 35 6.61 23.87 8.63
C GLN A 35 6.02 24.62 7.47
N PRO A 36 6.72 25.66 6.99
CA PRO A 36 6.19 26.25 5.76
C PRO A 36 6.44 25.29 4.60
N PRO A 37 5.50 25.22 3.66
CA PRO A 37 5.61 24.24 2.58
C PRO A 37 6.84 24.52 1.69
N LYS A 38 7.60 23.47 1.37
CA LYS A 38 8.88 23.60 0.69
C LYS A 38 8.81 24.23 -0.70
N VAL A 39 7.86 23.78 -1.51
CA VAL A 39 7.75 24.26 -2.88
C VAL A 39 6.29 24.29 -3.32
N PHE A 40 5.52 25.15 -2.68
CA PHE A 40 4.10 25.26 -2.96
C PHE A 40 3.76 26.57 -3.72
N ASP A 41 4.65 27.56 -3.62
CA ASP A 41 4.41 28.94 -4.12
C ASP A 41 3.87 29.05 -5.54
N THR A 42 4.57 28.42 -6.49
CA THR A 42 4.23 28.51 -7.90
C THR A 42 2.82 28.00 -8.19
N ILE A 43 2.51 26.80 -7.70
CA ILE A 43 1.21 26.19 -7.97
C ILE A 43 0.10 26.88 -7.17
N ARG A 44 0.42 27.39 -5.98
CA ARG A 44 -0.56 28.15 -5.19
C ARG A 44 -0.99 29.41 -5.96
N ASP A 45 -0.04 30.06 -6.62
CA ASP A 45 -0.30 31.27 -7.38
C ASP A 45 -1.19 30.97 -8.59
N LYS A 46 -0.91 29.86 -9.26
CA LYS A 46 -1.74 29.45 -10.39
C LYS A 46 -3.16 29.17 -9.95
N TYR A 47 -3.31 28.56 -8.77
CA TYR A 47 -4.64 28.30 -8.26
C TYR A 47 -5.37 29.62 -8.09
N ASN A 48 -4.77 30.52 -7.32
CA ASN A 48 -5.38 31.84 -7.12
C ASN A 48 -5.67 32.54 -8.43
N GLU A 49 -4.67 32.66 -9.30
CA GLU A 49 -4.85 33.32 -10.58
C GLU A 49 -6.01 32.71 -11.38
N ALA A 50 -6.14 31.39 -11.30
CA ALA A 50 -7.20 30.68 -12.01
C ALA A 50 -8.60 31.06 -11.53
N ILE A 51 -8.81 31.10 -10.21
CA ILE A 51 -10.14 31.39 -9.70
C ILE A 51 -10.50 32.87 -9.78
N GLU A 52 -9.52 33.77 -9.62
CA GLU A 52 -9.80 35.20 -9.81
C GLU A 52 -10.27 35.48 -11.23
N ALA A 53 -9.70 34.78 -12.22
CA ALA A 53 -10.16 34.96 -13.58
C ALA A 53 -11.58 34.43 -13.75
N VAL A 54 -11.84 33.23 -13.25
CA VAL A 54 -13.18 32.64 -13.30
C VAL A 54 -14.22 33.51 -12.58
N VAL A 55 -13.86 34.09 -11.45
CA VAL A 55 -14.75 35.00 -10.72
C VAL A 55 -14.98 36.32 -11.48
N LEU A 56 -13.91 36.89 -12.02
CA LEU A 56 -14.02 38.12 -12.82
C LEU A 56 -14.85 37.88 -14.07
N SER A 57 -14.94 36.64 -14.53
CA SER A 57 -15.73 36.32 -15.71
C SER A 57 -17.22 36.28 -15.41
N GLY A 58 -17.58 36.52 -14.15
CA GLY A 58 -18.99 36.57 -13.76
C GLY A 58 -19.52 35.32 -13.06
N VAL A 59 -18.62 34.40 -12.74
CA VAL A 59 -19.05 33.16 -12.10
C VAL A 59 -19.06 33.34 -10.58
N ALA A 60 -20.16 32.94 -9.96
CA ALA A 60 -20.28 32.92 -8.51
C ALA A 60 -19.13 32.15 -7.86
N PRO A 61 -18.50 32.74 -6.83
CA PRO A 61 -17.31 32.20 -6.16
C PRO A 61 -17.46 30.77 -5.64
N ARG A 62 -18.63 30.40 -5.15
CA ARG A 62 -18.84 29.03 -4.73
C ARG A 62 -18.69 28.09 -5.92
N THR A 63 -19.28 28.46 -7.05
CA THR A 63 -19.17 27.67 -8.26
C THR A 63 -17.72 27.62 -8.75
N ALA A 64 -16.96 28.68 -8.50
CA ALA A 64 -15.58 28.77 -8.97
C ALA A 64 -14.66 27.87 -8.18
N HIS A 65 -14.80 27.91 -6.86
CA HIS A 65 -14.03 27.05 -5.97
C HIS A 65 -14.35 25.57 -6.21
N LYS A 66 -15.61 25.26 -6.43
CA LYS A 66 -16.05 23.89 -6.71
C LYS A 66 -15.40 23.37 -8.01
N ALA A 67 -15.38 24.24 -9.01
CA ALA A 67 -14.79 23.91 -10.30
C ALA A 67 -13.28 23.73 -10.20
N ALA A 68 -12.62 24.59 -9.43
CA ALA A 68 -11.18 24.46 -9.21
C ALA A 68 -10.85 23.14 -8.52
N LEU A 69 -11.61 22.82 -7.49
CA LEU A 69 -11.39 21.58 -6.75
C LEU A 69 -11.46 20.39 -7.69
N SER A 70 -12.36 20.46 -8.67
CA SER A 70 -12.58 19.36 -9.61
C SER A 70 -11.62 19.42 -10.79
N THR A 71 -10.61 20.30 -10.74
CA THR A 71 -9.65 20.42 -11.83
C THR A 71 -8.23 20.49 -11.32
N LEU A 72 -8.04 20.20 -10.03
CA LEU A 72 -6.72 20.27 -9.40
C LEU A 72 -5.68 19.42 -10.13
N THR A 73 -6.10 18.37 -10.84
CA THR A 73 -5.15 17.56 -11.59
C THR A 73 -4.51 18.37 -12.72
N GLU A 74 -5.31 19.21 -13.38
CA GLU A 74 -4.79 20.13 -14.40
C GLU A 74 -3.72 21.06 -13.84
N LEU A 75 -3.98 21.60 -12.66
CA LEU A 75 -3.03 22.49 -12.01
C LEU A 75 -1.71 21.79 -11.75
N LEU A 76 -1.79 20.59 -11.16
CA LEU A 76 -0.61 19.81 -10.83
C LEU A 76 0.18 19.43 -12.09
N PHE A 77 -0.52 19.10 -13.18
CA PHE A 77 0.15 18.77 -14.43
C PHE A 77 0.77 19.99 -15.12
N GLY A 78 0.32 21.19 -14.74
CA GLY A 78 0.79 22.42 -15.35
C GLY A 78 1.93 23.07 -14.60
N HIS A 79 2.26 22.50 -13.45
CA HIS A 79 3.37 22.99 -12.65
C HIS A 79 4.61 22.13 -12.90
N ASP A 80 5.64 22.73 -13.49
CA ASP A 80 6.86 21.96 -13.77
C ASP A 80 7.68 21.81 -12.50
N LEU A 81 7.19 20.96 -11.61
CA LEU A 81 7.85 20.68 -10.36
C LEU A 81 9.29 20.18 -10.57
N ALA A 82 9.49 19.33 -11.57
CA ALA A 82 10.82 18.80 -11.89
C ALA A 82 11.84 19.89 -12.17
N LYS A 83 11.49 20.85 -13.02
CA LYS A 83 12.36 21.99 -13.30
C LYS A 83 12.70 22.81 -12.05
N GLU A 84 11.71 23.03 -11.19
CA GLU A 84 11.90 23.86 -10.00
C GLU A 84 12.85 23.18 -9.00
N LEU A 85 12.87 21.86 -9.06
CA LEU A 85 13.68 21.06 -8.15
C LEU A 85 15.07 20.74 -8.70
N SER A 86 15.23 20.85 -10.01
CA SER A 86 16.50 20.49 -10.66
C SER A 86 17.63 21.44 -10.28
N ALA A 87 17.29 22.65 -9.84
CA ALA A 87 18.29 23.59 -9.38
C ALA A 87 18.94 23.10 -8.09
N ARG A 88 18.12 22.54 -7.19
CA ARG A 88 18.55 22.22 -5.84
C ARG A 88 19.06 20.79 -5.70
N LEU A 89 18.32 19.84 -6.25
CA LEU A 89 18.65 18.43 -6.05
C LEU A 89 19.29 17.79 -7.27
N ASP A 90 20.07 16.75 -6.99
CA ASP A 90 20.92 16.08 -7.96
C ASP A 90 20.21 14.87 -8.61
N ILE A 91 20.30 14.78 -9.93
CA ILE A 91 19.52 13.83 -10.71
C ILE A 91 20.18 12.44 -10.80
N GLN A 92 21.45 12.35 -10.40
CA GLN A 92 22.16 11.08 -10.47
C GLN A 92 21.56 10.08 -9.50
N PRO A 93 21.59 8.78 -9.87
CA PRO A 93 21.06 7.73 -8.99
C PRO A 93 21.69 7.74 -7.60
N ILE A 94 20.86 7.63 -6.56
CA ILE A 94 21.29 7.56 -5.17
C ILE A 94 22.34 6.48 -4.95
N GLY A 95 22.13 5.33 -5.61
CA GLY A 95 23.08 4.22 -5.56
C GLY A 95 23.61 3.89 -6.92
N VAL A 96 24.81 3.32 -6.97
CA VAL A 96 25.46 2.94 -8.22
C VAL A 96 24.54 2.09 -9.09
N GLY A 97 24.00 1.00 -8.52
CA GLY A 97 23.10 0.14 -9.25
C GLY A 97 21.63 0.36 -8.94
N GLY A 98 21.30 1.50 -8.35
CA GLY A 98 19.90 1.80 -8.05
C GLY A 98 19.19 2.50 -9.18
N PHE A 99 17.97 2.96 -8.94
CA PHE A 99 17.23 3.71 -9.96
C PHE A 99 16.67 5.04 -9.46
N ARG A 100 16.71 5.25 -8.14
CA ARG A 100 16.14 6.47 -7.55
C ARG A 100 17.19 7.56 -7.35
N SER A 101 16.77 8.81 -7.55
CA SER A 101 17.63 9.96 -7.30
C SER A 101 17.07 10.79 -6.17
N ALA A 102 17.94 11.56 -5.50
CA ALA A 102 17.48 12.53 -4.51
C ALA A 102 16.46 13.50 -5.15
N HIS A 103 16.67 13.85 -6.42
CA HIS A 103 15.69 14.61 -7.18
C HIS A 103 14.34 13.88 -7.28
N SER A 104 14.37 12.62 -7.69
CA SER A 104 13.13 11.85 -7.85
C SER A 104 12.41 11.67 -6.51
N GLN A 105 13.16 11.49 -5.42
CA GLN A 105 12.59 11.40 -4.10
C GLN A 105 11.88 12.69 -3.76
N ALA A 106 12.57 13.80 -3.99
CA ALA A 106 11.99 15.12 -3.83
C ALA A 106 10.74 15.27 -4.67
N PHE A 107 10.81 14.89 -5.94
CA PHE A 107 9.64 14.99 -6.80
C PHE A 107 8.46 14.24 -6.15
N ALA A 108 8.68 12.98 -5.75
CA ALA A 108 7.57 12.15 -5.26
C ALA A 108 6.92 12.71 -3.99
N LYS A 109 7.75 13.12 -3.03
CA LYS A 109 7.27 13.66 -1.77
C LYS A 109 6.44 14.92 -1.97
N ASN A 110 7.11 15.92 -2.50
CA ASN A 110 6.58 17.22 -2.86
C ASN A 110 5.34 17.24 -3.81
N VAL A 111 5.24 16.30 -4.75
CA VAL A 111 4.05 16.32 -5.56
C VAL A 111 2.86 15.77 -4.76
N GLY A 112 3.16 14.97 -3.74
CA GLY A 112 2.13 14.42 -2.88
C GLY A 112 1.68 15.45 -1.89
N GLU A 113 2.65 16.14 -1.29
CA GLU A 113 2.37 17.18 -0.32
C GLU A 113 1.59 18.33 -0.96
N ASN A 114 1.98 18.73 -2.17
CA ASN A 114 1.28 19.80 -2.87
C ASN A 114 -0.18 19.49 -3.19
N PHE A 115 -0.46 18.24 -3.56
CA PHE A 115 -1.84 17.81 -3.80
C PHE A 115 -2.69 18.07 -2.56
N VAL A 116 -2.16 17.73 -1.39
CA VAL A 116 -2.85 17.94 -0.13
C VAL A 116 -2.87 19.43 0.19
N ASN A 117 -1.70 20.04 0.09
CA ASN A 117 -1.55 21.48 0.25
C ASN A 117 -2.62 22.20 -0.58
N LEU A 118 -2.78 21.79 -1.83
CA LEU A 118 -3.77 22.42 -2.70
C LEU A 118 -5.16 22.36 -2.10
N MSE A 119 -5.64 21.18 -1.75
CA MSE A 119 -7.05 21.13 -1.39
C MSE A 119 -7.27 21.58 0.05
O MSE A 119 -8.38 21.95 0.41
CB MSE A 119 -7.63 19.73 -1.68
CG MSE A 119 -7.36 18.57 -0.76
SE MSE A 119 -7.75 16.82 -1.72
CE MSE A 119 -5.89 16.32 -1.94
N VAL A 120 -6.22 21.60 0.87
CA VAL A 120 -6.27 22.33 2.16
C VAL A 120 -6.39 23.84 1.95
N TYR A 121 -5.57 24.38 1.08
CA TYR A 121 -5.63 25.79 0.70
C TYR A 121 -7.00 26.13 0.15
N ALA A 122 -7.51 25.28 -0.74
CA ALA A 122 -8.80 25.54 -1.35
C ALA A 122 -9.92 25.57 -0.31
N LEU A 123 -9.92 24.59 0.59
CA LEU A 123 -10.96 24.50 1.60
C LEU A 123 -10.86 25.65 2.59
N ALA A 124 -9.64 26.05 2.94
CA ALA A 124 -9.44 27.21 3.83
C ALA A 124 -10.01 28.49 3.21
N CYS A 125 -9.78 28.68 1.92
CA CYS A 125 -10.46 29.75 1.19
C CYS A 125 -11.97 29.65 1.31
N ILE A 126 -12.53 28.57 0.76
CA ILE A 126 -13.98 28.31 0.81
C ILE A 126 -14.60 28.56 2.20
N LEU A 127 -13.83 28.32 3.26
CA LEU A 127 -14.34 28.48 4.62
C LEU A 127 -13.75 29.72 5.32
N LYS A 128 -13.37 30.72 4.53
CA LYS A 128 -12.63 31.88 5.03
C LYS A 128 -13.36 32.60 6.15
N ASP A 129 -14.68 32.73 6.00
CA ASP A 129 -15.46 33.48 6.95
C ASP A 129 -16.39 32.58 7.74
N ASN A 130 -15.90 31.38 8.04
CA ASN A 130 -16.59 30.47 8.94
C ASN A 130 -15.62 30.02 10.03
N ASP A 131 -16.06 30.12 11.28
CA ASP A 131 -15.21 29.76 12.41
C ASP A 131 -15.85 28.69 13.26
N ASP A 132 -16.83 27.99 12.68
CA ASP A 132 -17.45 26.80 13.30
C ASP A 132 -17.01 25.52 12.59
N VAL A 133 -16.78 25.66 11.29
CA VAL A 133 -16.29 24.55 10.47
C VAL A 133 -14.84 24.83 10.02
N LEU A 134 -13.90 24.09 10.60
CA LEU A 134 -12.48 24.33 10.40
C LEU A 134 -11.81 23.26 9.52
N VAL A 135 -10.70 23.64 8.89
CA VAL A 135 -9.93 22.74 8.02
C VAL A 135 -8.45 22.84 8.36
N ASP A 136 -7.78 21.69 8.51
CA ASP A 136 -6.35 21.67 8.79
C ASP A 136 -5.68 20.55 8.02
N LYS A 137 -4.36 20.64 7.88
CA LYS A 137 -3.59 19.53 7.33
C LYS A 137 -3.32 18.56 8.47
N GLY A 138 -3.40 17.27 8.18
CA GLY A 138 -3.31 16.27 9.22
C GLY A 138 -4.61 16.29 9.99
N LEU A 139 -4.55 15.86 11.25
CA LEU A 139 -5.73 15.79 12.11
C LEU A 139 -5.56 16.71 13.30
N PRO A 140 -6.66 17.31 13.77
CA PRO A 140 -6.64 18.07 15.02
C PRO A 140 -6.32 17.14 16.19
N PRO A 141 -5.60 17.62 17.20
CA PRO A 141 -5.04 16.81 18.29
C PRO A 141 -6.02 15.83 18.94
N HIS A 142 -7.29 16.23 19.04
CA HIS A 142 -8.28 15.42 19.72
C HIS A 142 -8.83 14.33 18.81
N LEU A 143 -8.99 14.64 17.53
CA LEU A 143 -9.41 13.64 16.56
C LEU A 143 -8.27 12.65 16.31
N LYS A 144 -7.04 13.16 16.32
CA LYS A 144 -5.85 12.33 16.15
C LYS A 144 -5.76 11.29 17.25
N LYS A 145 -5.82 11.75 18.50
CA LYS A 145 -5.78 10.85 19.64
C LYS A 145 -6.99 9.92 19.65
N ALA A 146 -8.15 10.42 19.22
CA ALA A 146 -9.37 9.61 19.22
C ALA A 146 -9.32 8.51 18.17
N LEU A 147 -8.47 8.69 17.16
CA LEU A 147 -8.32 7.73 16.08
C LEU A 147 -7.07 6.89 16.27
N THR A 148 -6.58 6.81 17.50
CA THR A 148 -5.36 6.06 17.76
C THR A 148 -5.69 4.76 18.48
N LEU A 149 -5.55 3.64 17.79
CA LEU A 149 -5.73 2.34 18.41
C LEU A 149 -4.46 1.92 19.12
N SER A 150 -4.57 0.98 20.04
CA SER A 150 -3.40 0.38 20.64
C SER A 150 -3.53 -1.15 20.59
N ARG A 151 -2.39 -1.83 20.44
CA ARG A 151 -2.39 -3.28 20.44
C ARG A 151 -1.30 -3.82 21.35
N GLU A 152 -1.69 -4.58 22.37
CA GLU A 152 -0.72 -5.25 23.21
C GLU A 152 -0.18 -6.44 22.46
N CYS A 153 1.11 -6.44 22.16
CA CYS A 153 1.69 -7.56 21.41
C CYS A 153 2.73 -8.29 22.25
N ARG A 154 2.29 -9.42 22.81
CA ARG A 154 3.17 -10.31 23.57
C ARG A 154 3.71 -11.38 22.64
N ILE A 155 5.02 -11.54 22.60
CA ILE A 155 5.57 -12.61 21.80
C ILE A 155 5.82 -13.79 22.75
N LYS A 156 6.81 -13.66 23.63
CA LYS A 156 7.00 -14.68 24.66
C LYS A 156 7.04 -14.13 26.08
N ASP A 157 8.20 -13.67 26.55
CA ASP A 157 8.25 -12.90 27.80
C ASP A 157 8.50 -11.44 27.48
N THR A 158 8.67 -11.14 26.19
CA THR A 158 8.67 -9.76 25.75
C THR A 158 7.25 -9.23 25.83
N LEU A 159 7.12 -7.90 25.80
CA LEU A 159 5.82 -7.29 25.54
C LEU A 159 6.02 -5.86 25.09
N ARG A 160 5.34 -5.53 24.01
CA ARG A 160 5.46 -4.25 23.33
C ARG A 160 4.07 -3.73 23.06
N GLU A 161 3.83 -2.47 23.40
CA GLU A 161 2.51 -1.94 23.14
C GLU A 161 2.57 -1.23 21.80
N ILE A 162 1.68 -1.59 20.89
CA ILE A 162 1.75 -1.11 19.51
C ILE A 162 0.74 0.02 19.26
N LYS A 163 1.24 1.17 18.83
CA LYS A 163 0.36 2.29 18.51
C LYS A 163 -0.10 2.23 17.06
N ILE A 164 -1.40 2.42 16.84
CA ILE A 164 -1.98 2.45 15.50
C ILE A 164 -2.82 3.70 15.27
N PRO A 165 -2.17 4.81 14.87
CA PRO A 165 -2.91 6.05 14.64
C PRO A 165 -3.51 6.08 13.23
N ILE A 166 -4.83 6.00 13.14
CA ILE A 166 -5.50 5.97 11.86
C ILE A 166 -5.22 7.25 11.07
N GLU A 167 -4.79 7.06 9.83
CA GLU A 167 -4.28 8.13 8.99
C GLU A 167 -5.34 9.14 8.57
N GLY A 168 -4.95 10.41 8.57
CA GLY A 168 -5.68 11.44 7.86
C GLY A 168 -4.70 12.41 7.23
N ASP A 169 -4.85 12.71 5.95
CA ASP A 169 -3.96 13.65 5.27
C ASP A 169 -4.37 15.09 5.54
N LEU A 170 -5.65 15.36 5.56
CA LEU A 170 -6.27 16.60 5.89
C LEU A 170 -7.65 16.33 6.48
N CYS A 171 -8.23 17.32 7.15
CA CYS A 171 -9.45 17.14 7.92
C CYS A 171 -10.35 18.38 7.93
N VAL A 172 -11.66 18.15 7.85
CA VAL A 172 -12.62 19.22 8.05
C VAL A 172 -13.51 18.86 9.25
N PHE A 173 -13.49 19.70 10.28
CA PHE A 173 -14.14 19.35 11.54
C PHE A 173 -14.90 20.49 12.23
N SER A 174 -15.81 20.12 13.12
CA SER A 174 -16.61 21.06 13.91
C SER A 174 -15.79 21.60 15.08
N ARG A 175 -15.80 22.92 15.25
CA ARG A 175 -15.06 23.53 16.35
C ARG A 175 -15.58 23.03 17.69
N SER A 176 -16.87 22.76 17.76
CA SER A 176 -17.52 22.32 19.00
C SER A 176 -17.30 20.83 19.26
N ASN A 177 -16.98 20.08 18.22
CA ASN A 177 -16.76 18.64 18.35
C ASN A 177 -15.85 18.13 17.23
N HIS A 178 -14.58 17.94 17.57
CA HIS A 178 -13.56 17.62 16.58
C HIS A 178 -13.76 16.22 16.03
N CME A 179 -14.57 15.42 16.71
CA CME A 179 -14.89 14.04 16.23
CB CME A 179 -15.12 13.03 17.32
SG CME A 179 -13.77 12.32 18.19
SD CME A 179 -12.67 13.79 18.81
CE CME A 179 -12.72 14.32 20.49
CZ CME A 179 -14.06 14.87 20.94
OH CME A 179 -14.89 13.82 21.43
C CME A 179 -16.07 13.88 15.33
O CME A 179 -16.37 12.99 14.58
N ASN A 180 -16.71 15.25 15.25
CA ASN A 180 -17.64 15.54 14.17
C ASN A 180 -16.83 16.06 13.00
N ALA A 181 -16.38 15.15 12.13
CA ALA A 181 -15.35 15.50 11.17
C ALA A 181 -15.35 14.64 9.90
N ILE A 182 -14.86 15.25 8.82
CA ILE A 182 -14.52 14.55 7.60
C ILE A 182 -13.02 14.31 7.61
N VAL A 183 -12.59 13.05 7.65
CA VAL A 183 -11.18 12.74 7.54
C VAL A 183 -10.92 12.40 6.08
N ILE A 184 -9.89 13.01 5.50
CA ILE A 184 -9.62 12.80 4.08
C ILE A 184 -8.24 12.18 3.85
N SER A 185 -8.20 11.04 3.16
CA SER A 185 -6.94 10.46 2.71
C SER A 185 -6.75 10.74 1.24
N ALA A 186 -5.56 11.19 0.87
CA ALA A 186 -5.32 11.64 -0.49
C ALA A 186 -4.13 10.94 -1.14
N ALA A 187 -4.25 10.69 -2.43
CA ALA A 187 -3.15 10.16 -3.21
C ALA A 187 -3.21 10.70 -4.62
N THR A 188 -2.06 10.99 -5.18
CA THR A 188 -2.03 11.53 -6.53
C THR A 188 -2.36 10.42 -7.51
N ARG A 189 -1.92 9.20 -7.22
CA ARG A 189 -2.19 8.02 -8.08
C ARG A 189 -2.94 6.95 -7.28
N LEU A 190 -3.71 6.11 -7.97
CA LEU A 190 -4.32 4.99 -7.27
C LEU A 190 -3.43 3.75 -7.39
N LYS A 191 -3.46 3.08 -8.53
CA LYS A 191 -2.75 1.80 -8.69
C LYS A 191 -3.18 0.83 -7.58
N GLU A 192 -2.29 -0.07 -7.18
CA GLU A 192 -2.59 -1.01 -6.08
C GLU A 192 -2.36 -0.41 -4.70
N VAL A 193 -1.78 0.79 -4.68
CA VAL A 193 -1.45 1.44 -3.43
C VAL A 193 -2.71 2.05 -2.80
N PHE A 194 -3.77 2.19 -3.59
CA PHE A 194 -5.10 2.57 -3.09
C PHE A 194 -5.45 1.62 -1.96
N HIS A 195 -4.95 0.40 -2.08
CA HIS A 195 -5.12 -0.62 -1.05
C HIS A 195 -4.70 -0.10 0.34
N ILE A 196 -3.70 0.76 0.41
CA ILE A 196 -3.27 1.29 1.71
C ILE A 196 -4.39 2.08 2.37
N GLY A 197 -5.09 2.90 1.58
CA GLY A 197 -6.26 3.62 2.06
C GLY A 197 -7.26 2.65 2.62
N THR A 198 -7.43 1.52 1.92
CA THR A 198 -8.42 0.54 2.34
C THR A 198 -8.13 -0.07 3.71
N MSE A 199 -6.87 -0.36 4.11
CA MSE A 199 -6.75 -0.96 5.46
C MSE A 199 -7.10 0.08 6.48
O MSE A 199 -7.69 -0.26 7.51
CB MSE A 199 -5.35 -1.54 5.69
CG MSE A 199 -4.26 -0.50 5.94
SE MSE A 199 -2.68 -1.28 6.78
CE MSE A 199 -3.34 -1.42 8.61
N TRP A 200 -6.74 1.34 6.21
CA TRP A 200 -7.04 2.39 7.18
C TRP A 200 -8.56 2.53 7.28
N ALA A 201 -9.26 2.44 6.15
CA ALA A 201 -10.72 2.45 6.18
C ALA A 201 -11.25 1.30 7.04
N LEU A 202 -10.61 0.13 6.95
CA LEU A 202 -10.99 -1.02 7.75
C LEU A 202 -10.73 -0.77 9.22
N PHE A 203 -9.57 -0.21 9.54
CA PHE A 203 -9.27 0.15 10.93
C PHE A 203 -10.25 1.18 11.48
N SER A 204 -10.69 2.13 10.65
CA SER A 204 -11.63 3.13 11.15
C SER A 204 -12.97 2.45 11.43
N ASP A 205 -13.34 1.48 10.61
CA ASP A 205 -14.52 0.67 10.90
C ASP A 205 -14.29 -0.15 12.17
N VAL A 206 -13.11 -0.72 12.31
CA VAL A 206 -12.84 -1.61 13.44
C VAL A 206 -12.94 -0.86 14.77
N ALA A 207 -12.52 0.41 14.76
CA ALA A 207 -12.49 1.22 15.98
C ALA A 207 -13.88 1.49 16.57
N LYS A 208 -14.93 1.29 15.76
CA LYS A 208 -16.31 1.44 16.21
C LYS A 208 -16.96 0.09 16.54
N ASP A 209 -16.22 -1.00 16.41
CA ASP A 209 -16.80 -2.33 16.57
C ASP A 209 -16.14 -3.10 17.71
N GLU A 210 -16.92 -3.32 18.77
CA GLU A 210 -16.43 -4.01 19.97
C GLU A 210 -15.94 -5.45 19.69
N TYR A 211 -16.68 -6.18 18.86
CA TYR A 211 -16.28 -7.53 18.49
C TYR A 211 -14.93 -7.51 17.75
N CYS A 212 -14.81 -6.59 16.79
CA CYS A 212 -13.59 -6.51 15.99
C CYS A 212 -12.40 -6.08 16.84
N LEU A 213 -12.62 -5.09 17.72
CA LEU A 213 -11.58 -4.63 18.64
C LEU A 213 -11.05 -5.79 19.48
N ASN A 214 -11.96 -6.53 20.09
CA ASN A 214 -11.61 -7.69 20.88
C ASN A 214 -10.92 -8.78 20.07
N LYS A 215 -11.42 -9.02 18.85
CA LYS A 215 -10.88 -10.04 17.99
C LYS A 215 -9.37 -9.87 17.77
N TRP A 216 -8.97 -8.69 17.32
CA TRP A 216 -7.55 -8.45 17.04
C TRP A 216 -6.83 -7.83 18.23
N GLY A 217 -7.46 -7.90 19.40
CA GLY A 217 -6.84 -7.42 20.63
C GLY A 217 -6.51 -5.95 20.60
N LEU A 218 -7.44 -5.13 20.13
CA LEU A 218 -7.20 -3.70 20.01
C LEU A 218 -7.99 -2.91 21.05
N LYS A 219 -7.43 -1.78 21.46
CA LYS A 219 -8.11 -0.86 22.38
C LYS A 219 -8.31 0.51 21.74
N VAL A 220 -9.46 1.11 22.02
CA VAL A 220 -9.72 2.48 21.58
C VAL A 220 -10.29 3.26 22.76
N GLU A 221 -10.03 4.57 22.80
CA GLU A 221 -10.55 5.42 23.86
C GLU A 221 -12.07 5.43 23.89
N SER A 222 -12.69 5.59 22.72
CA SER A 222 -14.14 5.61 22.61
C SER A 222 -14.63 5.30 21.21
N SER A 223 -15.37 4.20 21.06
CA SER A 223 -15.97 3.87 19.78
C SER A 223 -17.11 4.84 19.44
N GLU A 224 -17.92 5.17 20.45
CA GLU A 224 -19.10 6.01 20.23
C GLU A 224 -18.71 7.43 19.81
N SER A 225 -17.55 7.91 20.26
CA SER A 225 -17.04 9.22 19.86
C SER A 225 -16.87 9.36 18.35
N LEU A 226 -16.50 8.26 17.68
CA LEU A 226 -16.17 8.31 16.26
C LEU A 226 -17.38 8.15 15.36
N LYS A 227 -18.57 8.15 15.95
CA LYS A 227 -19.81 7.86 15.20
C LYS A 227 -20.10 8.91 14.13
N ASP A 228 -19.55 10.11 14.30
CA ASP A 228 -19.78 11.21 13.36
C ASP A 228 -18.52 11.52 12.56
N THR A 229 -17.45 10.75 12.82
CA THR A 229 -16.25 10.84 12.01
C THR A 229 -16.46 10.07 10.71
N MSE A 230 -16.33 10.69 9.57
CA MSE A 230 -16.51 10.11 8.28
C MSE A 230 -15.10 9.95 7.66
O MSE A 230 -14.26 10.76 7.92
CB MSE A 230 -17.42 10.98 7.39
CG MSE A 230 -17.97 10.26 6.17
SE MSE A 230 -19.49 11.18 5.36
CE MSE A 230 -20.94 10.31 6.31
N TYR A 231 -14.91 8.89 6.86
CA TYR A 231 -13.61 8.57 6.31
C TYR A 231 -13.72 8.50 4.80
N VAL A 232 -13.17 9.50 4.13
CA VAL A 232 -13.23 9.55 2.66
C VAL A 232 -11.85 9.56 2.01
N PHE A 233 -11.84 9.32 0.69
CA PHE A 233 -10.62 9.33 -0.08
C PHE A 233 -10.71 10.31 -1.25
N ALA A 234 -9.58 10.95 -1.56
CA ALA A 234 -9.51 11.88 -2.69
C ALA A 234 -8.29 11.57 -3.55
N THR A 235 -8.47 11.50 -4.87
CA THR A 235 -7.33 11.25 -5.73
C THR A 235 -7.24 12.17 -6.93
N ALA A 236 -6.02 12.49 -7.31
CA ALA A 236 -5.80 13.31 -8.49
C ALA A 236 -5.78 12.45 -9.74
N ASP A 237 -5.55 11.15 -9.53
CA ASP A 237 -5.49 10.21 -10.64
C ASP A 237 -4.51 10.71 -11.70
N MSE A 238 -3.32 11.13 -11.32
CA MSE A 238 -2.48 11.69 -12.37
C MSE A 238 -1.55 10.68 -12.98
O MSE A 238 -0.40 10.49 -12.56
CB MSE A 238 -1.69 12.88 -11.90
CG MSE A 238 -0.87 12.66 -10.64
SE MSE A 238 -0.22 14.54 -10.27
CE MSE A 238 -2.07 15.13 -10.28
N ILE A 239 -2.11 10.02 -13.98
CA ILE A 239 -1.41 9.27 -15.00
C ILE A 239 -1.48 10.11 -16.28
N ASN A 240 -0.35 10.70 -16.65
CA ASN A 240 -0.24 11.49 -17.87
C ASN A 240 -0.40 10.62 -19.13
N LYS A 241 -1.41 10.95 -19.92
CA LYS A 241 -1.79 10.16 -21.10
C LYS A 241 -0.83 10.27 -22.27
N ASP A 242 0.14 11.17 -22.14
CA ASP A 242 1.07 11.43 -23.24
C ASP A 242 2.38 10.65 -23.05
N GLY A 243 2.47 9.90 -21.97
CA GLY A 243 3.62 9.04 -21.76
C GLY A 243 3.65 7.94 -22.79
N ALA A 244 4.84 7.63 -23.28
CA ALA A 244 5.02 6.59 -24.28
C ALA A 244 4.52 5.25 -23.75
N ARG A 245 3.71 4.56 -24.54
CA ARG A 245 3.14 3.28 -24.15
C ARG A 245 2.37 3.37 -22.83
N SER A 246 1.67 4.49 -22.62
CA SER A 246 0.86 4.69 -21.43
C SER A 246 -0.31 3.73 -21.33
N GLN A 247 -0.67 3.33 -20.12
CA GLN A 247 -1.78 2.41 -19.91
C GLN A 247 -3.01 3.15 -19.40
N GLY A 248 -2.87 4.47 -19.24
CA GLY A 248 -4.02 5.27 -18.89
C GLY A 248 -4.34 5.35 -17.41
N CYS A 249 -5.47 5.99 -17.11
CA CYS A 249 -5.88 6.33 -15.75
C CYS A 249 -6.70 5.27 -15.08
N ASP A 250 -6.88 5.43 -13.78
CA ASP A 250 -7.66 4.49 -13.00
C ASP A 250 -9.11 4.97 -12.81
N VAL A 251 -9.35 6.28 -12.86
CA VAL A 251 -10.75 6.72 -12.77
C VAL A 251 -11.23 7.44 -14.04
N GLU A 252 -10.34 8.09 -14.78
CA GLU A 252 -10.71 8.68 -16.05
C GLU A 252 -10.80 7.59 -17.13
N ARG A 253 -11.91 6.85 -17.10
CA ARG A 253 -12.20 5.80 -18.06
C ARG A 253 -13.68 5.46 -17.93
N GLU A 254 -14.20 4.58 -18.78
CA GLU A 254 -15.64 4.35 -18.82
C GLU A 254 -16.13 3.70 -17.52
N THR A 255 -15.31 2.78 -16.99
CA THR A 255 -15.68 2.07 -15.77
C THR A 255 -14.44 1.75 -14.94
N PRO A 256 -14.46 2.13 -13.66
CA PRO A 256 -13.39 1.72 -12.74
C PRO A 256 -13.31 0.21 -12.67
N ARG A 257 -12.09 -0.34 -12.73
CA ARG A 257 -11.95 -1.80 -12.74
C ARG A 257 -12.28 -2.35 -11.37
N ASN A 258 -12.43 -3.67 -11.32
CA ASN A 258 -12.92 -4.40 -10.16
C ASN A 258 -12.20 -4.06 -8.86
N LEU A 259 -10.93 -4.20 -8.82
CA LEU A 259 -10.23 -4.02 -7.62
C LEU A 259 -10.06 -2.54 -7.19
N ILE A 260 -10.25 -1.65 -8.13
CA ILE A 260 -10.26 -0.22 -7.81
C ILE A 260 -11.60 0.09 -7.16
N ALA A 261 -12.65 -0.53 -7.68
CA ALA A 261 -13.97 -0.45 -7.07
C ALA A 261 -14.00 -0.95 -5.62
N MSE A 262 -13.36 -2.06 -5.34
CA MSE A 262 -13.29 -2.65 -4.08
C MSE A 262 -12.76 -1.67 -3.05
O MSE A 262 -13.39 -1.48 -2.10
CB MSE A 262 -12.37 -3.87 -4.12
CG MSE A 262 -12.38 -4.69 -2.85
SE MSE A 262 -11.00 -4.13 -1.59
CE MSE A 262 -9.43 -4.38 -2.73
N ASP A 263 -11.62 -1.07 -3.27
CA ASP A 263 -10.99 -0.10 -2.40
C ASP A 263 -11.99 1.03 -2.16
N ALA A 264 -12.57 1.53 -3.24
CA ALA A 264 -13.51 2.63 -3.13
C ALA A 264 -14.74 2.25 -2.29
N SER A 265 -15.12 0.99 -2.32
CA SER A 265 -16.36 0.53 -1.66
C SER A 265 -16.25 0.51 -0.14
N PHE A 266 -15.02 0.60 0.36
CA PHE A 266 -14.80 0.59 1.81
C PHE A 266 -14.64 2.00 2.38
N PHE A 267 -14.70 3.00 1.52
CA PHE A 267 -14.75 4.40 1.96
C PHE A 267 -16.20 4.90 1.93
N ASP A 268 -16.50 5.92 2.73
CA ASP A 268 -17.81 6.57 2.65
C ASP A 268 -17.99 7.25 1.29
N TYR A 269 -16.94 7.96 0.86
CA TYR A 269 -16.93 8.62 -0.44
C TYR A 269 -15.52 8.60 -1.00
N VAL A 270 -15.43 8.58 -2.32
CA VAL A 270 -14.14 8.73 -2.99
C VAL A 270 -14.21 9.86 -4.04
N PHE A 271 -13.29 10.82 -3.94
CA PHE A 271 -13.25 11.92 -4.89
C PHE A 271 -12.11 11.87 -5.89
N VAL A 272 -12.36 12.45 -7.05
CA VAL A 272 -11.32 12.64 -8.06
C VAL A 272 -11.32 14.12 -8.45
N SER A 273 -10.13 14.70 -8.60
CA SER A 273 -10.03 16.12 -8.97
C SER A 273 -10.03 16.29 -10.49
N LYS A 274 -10.98 15.61 -11.14
CA LYS A 274 -11.16 15.64 -12.59
C LYS A 274 -12.63 15.88 -12.87
N MSE A 275 -12.98 16.49 -13.98
CA MSE A 275 -14.37 16.69 -14.30
C MSE A 275 -14.71 16.11 -15.64
O MSE A 275 -13.85 15.92 -16.52
CB MSE A 275 -14.92 18.09 -14.07
CG MSE A 275 -14.07 19.27 -14.45
SE MSE A 275 -15.07 20.91 -14.04
CE MSE A 275 -16.00 21.16 -15.71
N GLY A 276 -15.98 15.78 -15.77
CA GLY A 276 -16.46 15.30 -17.06
C GLY A 276 -16.31 13.82 -17.32
N ILE A 277 -16.08 13.05 -16.27
CA ILE A 277 -16.03 11.59 -16.39
C ILE A 277 -17.43 11.01 -16.19
N GLY A 278 -17.86 10.15 -17.09
CA GLY A 278 -19.22 9.66 -17.11
C GLY A 278 -19.70 9.03 -15.82
N HIS A 279 -18.95 8.06 -15.30
CA HIS A 279 -19.34 7.31 -14.10
C HIS A 279 -19.16 8.13 -12.83
N VAL A 280 -18.25 9.10 -12.88
CA VAL A 280 -18.03 10.00 -11.75
C VAL A 280 -19.19 10.97 -11.55
N SER A 281 -19.81 10.94 -10.38
CA SER A 281 -20.97 11.80 -10.13
C SER A 281 -20.60 13.26 -9.88
N SER A 282 -21.43 14.17 -10.36
CA SER A 282 -21.25 15.59 -10.06
C SER A 282 -22.25 16.06 -8.99
N ASP A 283 -23.11 15.16 -8.53
CA ASP A 283 -24.09 15.49 -7.49
C ASP A 283 -23.80 14.69 -6.22
N LEU A 284 -23.98 15.32 -5.05
CA LEU A 284 -23.82 14.63 -3.78
C LEU A 284 -24.89 15.03 -2.77
N SER A 285 -25.70 14.05 -2.36
CA SER A 285 -26.68 14.26 -1.30
C SER A 285 -26.48 13.19 -0.23
N LEU A 286 -26.13 13.60 0.98
CA LEU A 286 -25.98 12.66 2.07
C LEU A 286 -27.28 11.91 2.36
N LYS A 287 -28.41 12.64 2.29
CA LYS A 287 -29.72 12.10 2.64
C LYS A 287 -30.15 10.94 1.74
N TYR A 288 -29.97 11.08 0.43
CA TYR A 288 -30.46 10.06 -0.49
C TYR A 288 -29.44 8.94 -0.78
N GLY A 289 -28.20 9.12 -0.31
CA GLY A 289 -27.20 8.06 -0.39
C GLY A 289 -26.14 8.25 -1.46
N ARG A 290 -25.06 7.49 -1.34
CA ARG A 290 -23.93 7.52 -2.28
C ARG A 290 -24.36 7.32 -3.74
N GLU A 291 -24.17 8.33 -4.57
CA GLU A 291 -24.61 8.32 -5.97
C GLU A 291 -23.80 7.39 -6.87
N SER A 292 -22.53 7.17 -6.50
CA SER A 292 -21.62 6.31 -7.26
C SER A 292 -20.35 6.10 -6.46
N LEU A 293 -19.46 5.24 -6.95
CA LEU A 293 -18.22 4.97 -6.23
C LEU A 293 -17.30 6.20 -6.19
N PHE A 294 -17.41 7.05 -7.21
CA PHE A 294 -16.53 8.23 -7.36
C PHE A 294 -17.30 9.55 -7.53
N HIS A 295 -16.80 10.60 -6.91
CA HIS A 295 -17.39 11.93 -7.07
C HIS A 295 -16.34 12.92 -7.55
N GLU A 296 -16.78 13.93 -8.30
CA GLU A 296 -15.95 15.09 -8.57
C GLU A 296 -15.61 15.77 -7.24
N LEU A 297 -14.36 16.19 -7.08
CA LEU A 297 -13.86 16.68 -5.80
C LEU A 297 -14.63 17.91 -5.32
N GLY A 298 -15.11 18.73 -6.25
CA GLY A 298 -15.93 19.88 -5.91
C GLY A 298 -17.17 19.52 -5.10
N CYS A 299 -17.59 18.26 -5.17
CA CYS A 299 -18.74 17.80 -4.39
C CYS A 299 -18.44 17.73 -2.90
N ILE A 300 -17.18 17.88 -2.51
CA ILE A 300 -16.86 17.93 -1.10
C ILE A 300 -17.47 19.20 -0.45
N ILE A 301 -17.60 20.29 -1.21
CA ILE A 301 -18.31 21.50 -0.75
C ILE A 301 -19.71 21.10 -0.32
N ASP A 302 -20.34 20.32 -1.18
CA ASP A 302 -21.67 19.82 -0.91
C ASP A 302 -21.75 18.97 0.37
N MSE A 303 -20.81 18.06 0.66
CA MSE A 303 -21.08 17.28 1.88
C MSE A 303 -20.71 18.11 3.11
O MSE A 303 -21.23 17.84 4.18
CB MSE A 303 -20.36 15.93 1.99
CG MSE A 303 -18.95 15.96 2.62
SE MSE A 303 -18.20 14.08 2.60
CE MSE A 303 -18.28 14.02 0.73
N ILE A 304 -19.81 19.07 2.96
CA ILE A 304 -19.47 19.95 4.08
C ILE A 304 -20.73 20.73 4.47
N GLU A 305 -21.41 21.27 3.47
CA GLU A 305 -22.67 22.00 3.68
C GLU A 305 -23.71 21.15 4.38
N GLN A 306 -23.97 19.97 3.82
CA GLN A 306 -25.06 19.14 4.32
C GLN A 306 -24.75 18.61 5.71
N LYS A 307 -23.51 18.19 5.91
CA LYS A 307 -23.12 17.57 7.17
C LYS A 307 -23.07 18.52 8.37
N PHE A 308 -22.52 19.70 8.13
CA PHE A 308 -22.35 20.69 9.20
C PHE A 308 -23.44 21.75 9.22
N ASP A 309 -24.37 21.64 8.27
CA ASP A 309 -25.52 22.55 8.18
C ASP A 309 -25.08 24.00 8.00
N ILE A 310 -24.34 24.26 6.92
CA ILE A 310 -23.89 25.62 6.60
C ILE A 310 -24.05 25.92 5.12
N LEU A 311 -23.91 27.18 4.74
CA LEU A 311 -24.03 27.54 3.34
C LEU A 311 -22.71 28.12 2.89
N LEU A 312 -22.17 27.61 1.79
CA LEU A 312 -20.92 28.11 1.25
C LEU A 312 -21.13 28.76 -0.11
N MSE B 1 11.10 -26.06 -28.60
CA MSE B 1 10.90 -26.15 -27.15
C MSE B 1 9.61 -26.87 -26.82
O MSE B 1 8.72 -27.00 -27.66
CB MSE B 1 10.90 -24.76 -26.52
CG MSE B 1 12.25 -24.03 -26.58
N GLN B 2 9.48 -27.33 -25.57
CA GLN B 2 8.23 -27.95 -25.13
C GLN B 2 7.46 -27.05 -24.18
N LYS B 3 6.19 -27.38 -23.97
CA LYS B 3 5.31 -26.63 -23.07
C LYS B 3 4.34 -27.57 -22.38
N TYR B 4 4.26 -27.45 -21.06
CA TYR B 4 3.46 -28.36 -20.26
C TYR B 4 2.41 -27.64 -19.42
N ARG B 5 1.73 -28.39 -18.57
CA ARG B 5 0.77 -27.85 -17.60
C ARG B 5 1.25 -28.11 -16.19
N LEU B 6 0.74 -27.36 -15.24
CA LEU B 6 0.98 -27.65 -13.83
C LEU B 6 -0.29 -28.23 -13.25
N TYR B 7 -1.43 -27.77 -13.74
CA TYR B 7 -2.73 -28.19 -13.25
C TYR B 7 -3.60 -28.70 -14.41
N GLU B 8 -4.54 -29.57 -14.10
CA GLU B 8 -5.48 -30.03 -15.14
C GLU B 8 -6.74 -29.17 -15.11
N LYS B 9 -7.76 -29.58 -15.86
CA LYS B 9 -8.98 -28.80 -15.96
C LYS B 9 -9.79 -28.80 -14.66
N ASP B 10 -9.60 -29.83 -13.83
CA ASP B 10 -10.30 -29.90 -12.54
C ASP B 10 -9.52 -29.21 -11.43
N GLY B 11 -8.36 -28.66 -11.77
CA GLY B 11 -7.56 -27.92 -10.82
C GLY B 11 -6.50 -28.75 -10.09
N SER B 12 -6.44 -30.04 -10.42
CA SER B 12 -5.50 -30.93 -9.75
C SER B 12 -4.10 -30.75 -10.32
N PRO B 13 -3.09 -30.80 -9.44
CA PRO B 13 -1.69 -30.73 -9.86
C PRO B 13 -1.27 -31.99 -10.61
N VAL B 14 -0.51 -31.82 -11.70
CA VAL B 14 0.01 -32.96 -12.44
C VAL B 14 1.09 -33.63 -11.60
N GLN B 15 1.43 -34.86 -11.97
CA GLN B 15 2.47 -35.62 -11.26
C GLN B 15 3.85 -35.03 -11.50
N ASP B 16 4.76 -35.28 -10.56
CA ASP B 16 6.14 -34.79 -10.67
C ASP B 16 6.14 -33.25 -10.69
N PHE B 17 5.27 -32.66 -9.89
CA PHE B 17 4.95 -31.23 -9.95
C PHE B 17 6.14 -30.30 -9.80
N ASN B 18 6.87 -30.43 -8.69
CA ASN B 18 7.94 -29.50 -8.37
C ASN B 18 9.01 -29.38 -9.45
N ARG B 19 9.35 -30.50 -10.09
CA ARG B 19 10.37 -30.49 -11.13
C ARG B 19 9.91 -29.70 -12.35
N PHE B 20 8.59 -29.62 -12.55
CA PHE B 20 8.07 -28.85 -13.66
C PHE B 20 8.20 -27.36 -13.37
N VAL B 21 7.97 -26.96 -12.12
CA VAL B 21 8.09 -25.54 -11.78
C VAL B 21 9.58 -25.18 -11.80
N LYS B 22 10.43 -26.06 -11.29
CA LYS B 22 11.86 -25.76 -11.30
C LYS B 22 12.42 -25.73 -12.74
N GLY B 23 12.00 -26.67 -13.57
CA GLY B 23 12.35 -26.67 -14.98
C GLY B 23 11.89 -25.41 -15.72
N TRP B 24 10.79 -24.82 -15.25
CA TRP B 24 10.26 -23.59 -15.84
C TRP B 24 11.17 -22.40 -15.52
N LEU B 25 11.60 -22.32 -14.27
CA LEU B 25 12.53 -21.27 -13.87
C LEU B 25 13.89 -21.46 -14.53
N ASP B 26 14.22 -22.71 -14.88
CA ASP B 26 15.49 -23.04 -15.56
C ASP B 26 15.47 -22.74 -17.06
N ILE B 27 14.31 -22.32 -17.57
CA ILE B 27 14.06 -22.14 -19.01
C ILE B 27 14.31 -23.45 -19.79
N GLU B 28 13.94 -24.57 -19.18
CA GLU B 28 14.03 -25.88 -19.81
C GLU B 28 12.85 -26.12 -20.75
N PHE B 29 11.69 -25.56 -20.39
CA PHE B 29 10.46 -25.73 -21.14
C PHE B 29 9.44 -24.67 -20.70
N GLY B 30 8.37 -24.50 -21.47
CA GLY B 30 7.34 -23.55 -21.10
C GLY B 30 6.27 -24.19 -20.23
N LEU B 31 5.35 -23.35 -19.75
CA LEU B 31 4.20 -23.80 -18.99
C LEU B 31 2.95 -23.00 -19.35
N LYS B 32 1.80 -23.65 -19.29
CA LYS B 32 0.53 -22.99 -19.55
C LYS B 32 0.29 -21.86 -18.56
N GLU B 33 0.66 -22.05 -17.30
CA GLU B 33 0.29 -21.10 -16.24
C GLU B 33 1.35 -20.04 -15.92
N HIS B 34 2.48 -20.08 -16.61
CA HIS B 34 3.57 -19.13 -16.33
C HIS B 34 4.39 -18.76 -17.58
N GLN B 35 4.64 -17.47 -17.78
CA GLN B 35 5.53 -17.03 -18.84
C GLN B 35 6.95 -17.28 -18.41
N PRO B 36 7.87 -17.43 -19.38
CA PRO B 36 9.29 -17.52 -18.99
C PRO B 36 9.70 -16.25 -18.25
N PRO B 37 10.50 -16.39 -17.20
CA PRO B 37 10.97 -15.19 -16.48
C PRO B 37 11.84 -14.33 -17.41
N LYS B 38 11.65 -13.02 -17.39
CA LYS B 38 12.31 -12.15 -18.36
C LYS B 38 13.81 -11.98 -18.10
N VAL B 39 14.18 -11.78 -16.84
CA VAL B 39 15.55 -11.46 -16.45
C VAL B 39 16.01 -12.26 -15.22
N PHE B 40 15.83 -13.57 -15.24
CA PHE B 40 16.13 -14.39 -14.07
C PHE B 40 17.44 -15.18 -14.18
N ASP B 41 17.93 -15.34 -15.42
CA ASP B 41 19.03 -16.27 -15.73
C ASP B 41 20.33 -16.05 -14.97
N THR B 42 20.82 -14.80 -14.92
CA THR B 42 22.05 -14.48 -14.20
C THR B 42 21.99 -14.77 -12.70
N ILE B 43 20.95 -14.26 -12.04
CA ILE B 43 20.84 -14.38 -10.59
C ILE B 43 20.51 -15.81 -10.17
N ARG B 44 19.79 -16.53 -11.03
CA ARG B 44 19.52 -17.95 -10.82
C ARG B 44 20.84 -18.73 -10.85
N ASP B 45 21.66 -18.47 -11.87
CA ASP B 45 22.92 -19.18 -12.02
C ASP B 45 23.82 -18.94 -10.81
N LYS B 46 23.85 -17.70 -10.32
CA LYS B 46 24.66 -17.35 -9.16
C LYS B 46 24.16 -18.06 -7.91
N TYR B 47 22.85 -18.22 -7.81
CA TYR B 47 22.26 -18.96 -6.70
C TYR B 47 22.76 -20.40 -6.76
N ASN B 48 22.65 -21.01 -7.94
CA ASN B 48 23.14 -22.37 -8.14
C ASN B 48 24.64 -22.43 -7.93
N GLU B 49 25.37 -21.53 -8.58
CA GLU B 49 26.81 -21.40 -8.41
C GLU B 49 27.21 -21.36 -6.95
N ALA B 50 26.50 -20.56 -6.15
CA ALA B 50 26.84 -20.40 -4.75
C ALA B 50 26.56 -21.68 -3.96
N ILE B 51 25.60 -22.46 -4.44
CA ILE B 51 25.11 -23.59 -3.68
C ILE B 51 25.65 -24.91 -4.21
N GLU B 52 26.16 -24.91 -5.45
CA GLU B 52 26.87 -26.07 -5.97
C GLU B 52 28.23 -26.17 -5.28
N ALA B 53 28.83 -25.04 -4.99
CA ALA B 53 30.11 -25.00 -4.28
C ALA B 53 29.96 -25.43 -2.82
N VAL B 54 28.97 -24.89 -2.12
CA VAL B 54 28.76 -25.19 -0.70
C VAL B 54 28.53 -26.69 -0.43
N VAL B 55 27.65 -27.31 -1.20
CA VAL B 55 27.35 -28.73 -1.02
C VAL B 55 28.51 -29.58 -1.46
N LEU B 56 29.38 -29.02 -2.31
CA LEU B 56 30.61 -29.70 -2.72
C LEU B 56 31.62 -29.65 -1.57
N SER B 57 31.45 -28.68 -0.69
CA SER B 57 32.30 -28.53 0.49
C SER B 57 31.81 -29.41 1.64
N GLY B 58 31.05 -30.45 1.30
CA GLY B 58 30.56 -31.40 2.28
C GLY B 58 29.16 -31.13 2.80
N VAL B 59 28.87 -29.86 3.04
CA VAL B 59 27.61 -29.43 3.67
C VAL B 59 26.36 -30.03 3.01
N ALA B 60 25.40 -30.45 3.84
CA ALA B 60 24.14 -31.01 3.36
C ALA B 60 23.29 -29.94 2.68
N PRO B 61 22.62 -30.32 1.58
CA PRO B 61 21.77 -29.43 0.78
C PRO B 61 20.75 -28.64 1.60
N ARG B 62 20.17 -29.29 2.61
CA ARG B 62 19.21 -28.63 3.48
C ARG B 62 19.81 -27.38 4.10
N THR B 63 21.01 -27.50 4.64
CA THR B 63 21.69 -26.38 5.27
C THR B 63 22.11 -25.30 4.26
N ALA B 64 22.59 -25.74 3.11
CA ALA B 64 22.99 -24.81 2.06
C ALA B 64 21.81 -23.95 1.62
N HIS B 65 20.64 -24.56 1.57
CA HIS B 65 19.44 -23.89 1.12
C HIS B 65 18.87 -22.95 2.19
N LYS B 66 19.00 -23.34 3.47
CA LYS B 66 18.58 -22.47 4.55
C LYS B 66 19.44 -21.21 4.56
N ALA B 67 20.75 -21.41 4.47
CA ALA B 67 21.71 -20.32 4.46
C ALA B 67 21.49 -19.40 3.27
N ALA B 68 21.27 -19.99 2.10
CA ALA B 68 21.06 -19.21 0.89
C ALA B 68 19.79 -18.36 0.98
N LEU B 69 18.69 -18.98 1.36
CA LEU B 69 17.44 -18.25 1.58
C LEU B 69 17.66 -17.05 2.52
N SER B 70 18.42 -17.25 3.58
CA SER B 70 18.69 -16.20 4.55
C SER B 70 19.71 -15.17 4.07
N THR B 71 20.14 -15.28 2.81
CA THR B 71 21.13 -14.38 2.25
C THR B 71 20.70 -13.87 0.88
N LEU B 72 19.41 -14.01 0.55
CA LEU B 72 18.94 -13.63 -0.78
C LEU B 72 19.17 -12.14 -1.08
N THR B 73 19.17 -11.31 -0.05
CA THR B 73 19.39 -9.87 -0.23
C THR B 73 20.78 -9.60 -0.79
N GLU B 74 21.80 -10.26 -0.22
CA GLU B 74 23.16 -10.20 -0.76
C GLU B 74 23.17 -10.59 -2.23
N LEU B 75 22.44 -11.64 -2.56
CA LEU B 75 22.35 -12.15 -3.93
C LEU B 75 21.74 -11.12 -4.87
N LEU B 76 20.61 -10.55 -4.46
CA LEU B 76 19.91 -9.53 -5.24
C LEU B 76 20.74 -8.24 -5.41
N PHE B 77 21.44 -7.83 -4.36
CA PHE B 77 22.33 -6.68 -4.46
C PHE B 77 23.55 -6.94 -5.35
N GLY B 78 23.95 -8.21 -5.44
CA GLY B 78 25.09 -8.60 -6.27
C GLY B 78 24.77 -8.67 -7.75
N HIS B 79 23.49 -8.79 -8.09
CA HIS B 79 23.09 -8.80 -9.49
C HIS B 79 22.84 -7.37 -9.98
N ASP B 80 23.64 -6.95 -10.97
CA ASP B 80 23.50 -5.63 -11.56
C ASP B 80 22.39 -5.62 -12.60
N LEU B 81 21.16 -5.58 -12.11
CA LEU B 81 19.99 -5.60 -12.96
C LEU B 81 19.94 -4.36 -13.85
N ALA B 82 20.34 -3.23 -13.29
CA ALA B 82 20.35 -1.97 -14.02
C ALA B 82 21.14 -2.11 -15.33
N LYS B 83 22.35 -2.62 -15.24
CA LYS B 83 23.21 -2.75 -16.41
C LYS B 83 22.62 -3.73 -17.43
N GLU B 84 21.99 -4.81 -16.94
CA GLU B 84 21.37 -5.79 -17.82
C GLU B 84 20.16 -5.22 -18.57
N LEU B 85 19.42 -4.34 -17.90
CA LEU B 85 18.22 -3.75 -18.49
C LEU B 85 18.53 -2.59 -19.42
N SER B 86 19.66 -1.91 -19.20
CA SER B 86 19.97 -0.67 -19.89
C SER B 86 20.09 -0.84 -21.42
N ALA B 87 20.49 -2.03 -21.84
CA ALA B 87 20.69 -2.33 -23.26
C ALA B 87 19.38 -2.50 -24.03
N ARG B 88 18.24 -2.31 -23.34
CA ARG B 88 16.93 -2.66 -23.89
C ARG B 88 15.88 -1.57 -23.66
N LEU B 89 15.93 -0.94 -22.50
CA LEU B 89 14.90 0.03 -22.14
C LEU B 89 15.44 1.45 -22.04
N ASP B 90 14.58 2.43 -22.34
CA ASP B 90 14.97 3.83 -22.30
C ASP B 90 15.19 4.31 -20.87
N ILE B 91 16.35 4.92 -20.64
CA ILE B 91 16.68 5.47 -19.33
C ILE B 91 16.09 6.90 -19.20
N GLN B 92 15.62 7.46 -20.32
CA GLN B 92 15.01 8.79 -20.31
C GLN B 92 13.55 8.74 -19.84
N PRO B 93 13.11 9.79 -19.11
CA PRO B 93 11.76 9.88 -18.54
C PRO B 93 10.62 9.63 -19.52
N ILE B 94 9.65 8.82 -19.10
CA ILE B 94 8.43 8.55 -19.86
C ILE B 94 7.71 9.83 -20.28
N GLY B 95 7.58 10.77 -19.35
CA GLY B 95 6.94 12.05 -19.65
C GLY B 95 7.91 13.21 -19.60
N VAL B 96 7.52 14.29 -20.28
CA VAL B 96 8.28 15.52 -20.28
C VAL B 96 8.50 16.06 -18.87
N GLY B 97 7.44 16.02 -18.06
CA GLY B 97 7.52 16.49 -16.68
C GLY B 97 7.56 15.38 -15.65
N GLY B 98 7.87 14.16 -16.08
CA GLY B 98 7.89 13.02 -15.18
C GLY B 98 9.25 12.72 -14.58
N PHE B 99 9.34 11.63 -13.82
CA PHE B 99 10.61 11.18 -13.25
C PHE B 99 10.83 9.68 -13.45
N ARG B 100 9.78 8.93 -13.76
CA ARG B 100 9.92 7.49 -14.03
C ARG B 100 10.30 7.25 -15.48
N SER B 101 11.12 6.23 -15.72
CA SER B 101 11.50 5.80 -17.06
C SER B 101 11.14 4.32 -17.28
N ALA B 102 11.07 3.91 -18.54
CA ALA B 102 10.80 2.52 -18.87
C ALA B 102 11.79 1.59 -18.16
N HIS B 103 13.05 2.00 -18.15
CA HIS B 103 14.11 1.30 -17.44
C HIS B 103 13.81 1.20 -15.93
N SER B 104 13.39 2.30 -15.31
CA SER B 104 13.10 2.27 -13.88
C SER B 104 11.85 1.45 -13.62
N GLN B 105 10.91 1.46 -14.57
CA GLN B 105 9.73 0.59 -14.48
C GLN B 105 10.16 -0.86 -14.55
N ALA B 106 10.95 -1.19 -15.57
CA ALA B 106 11.47 -2.55 -15.70
C ALA B 106 12.26 -2.93 -14.44
N PHE B 107 13.12 -2.02 -13.96
CA PHE B 107 13.94 -2.37 -12.80
C PHE B 107 13.06 -2.69 -11.62
N ALA B 108 12.12 -1.80 -11.30
CA ALA B 108 11.25 -1.99 -10.16
C ALA B 108 10.49 -3.32 -10.25
N LYS B 109 9.88 -3.58 -11.41
CA LYS B 109 9.13 -4.83 -11.60
C LYS B 109 10.00 -6.07 -11.50
N ASN B 110 11.10 -6.07 -12.23
CA ASN B 110 11.96 -7.25 -12.30
C ASN B 110 12.63 -7.62 -10.99
N VAL B 111 13.03 -6.63 -10.20
CA VAL B 111 13.70 -6.95 -8.94
C VAL B 111 12.69 -7.52 -7.96
N GLY B 112 11.44 -7.11 -8.11
CA GLY B 112 10.37 -7.65 -7.30
C GLY B 112 10.06 -9.09 -7.72
N GLU B 113 9.88 -9.29 -9.01
CA GLU B 113 9.62 -10.62 -9.54
C GLU B 113 10.78 -11.58 -9.23
N ASN B 114 12.02 -11.10 -9.34
CA ASN B 114 13.17 -11.96 -9.11
C ASN B 114 13.30 -12.40 -7.65
N PHE B 115 12.85 -11.54 -6.72
CA PHE B 115 12.83 -11.89 -5.31
C PHE B 115 11.92 -13.10 -5.10
N VAL B 116 10.73 -13.05 -5.69
CA VAL B 116 9.80 -14.16 -5.59
C VAL B 116 10.30 -15.38 -6.39
N ASN B 117 10.80 -15.15 -7.61
CA ASN B 117 11.38 -16.21 -8.44
C ASN B 117 12.44 -16.98 -7.68
N LEU B 118 13.31 -16.23 -7.02
CA LEU B 118 14.38 -16.80 -6.24
C LEU B 118 13.77 -17.75 -5.14
N MSE B 119 12.78 -17.34 -4.37
CA MSE B 119 12.50 -18.22 -3.25
C MSE B 119 11.49 -19.29 -3.71
O MSE B 119 11.35 -20.33 -3.06
CB MSE B 119 12.06 -17.42 -2.01
CG MSE B 119 10.66 -16.95 -1.90
SE MSE B 119 10.57 -15.43 -0.53
CE MSE B 119 10.75 -13.98 -1.75
N VAL B 120 10.86 -19.10 -4.86
CA VAL B 120 10.17 -20.20 -5.55
C VAL B 120 11.17 -21.26 -6.06
N TYR B 121 12.24 -20.80 -6.69
CA TYR B 121 13.32 -21.66 -7.16
C TYR B 121 13.97 -22.44 -6.02
N ALA B 122 14.31 -21.75 -4.95
CA ALA B 122 14.93 -22.40 -3.80
C ALA B 122 14.04 -23.50 -3.20
N LEU B 123 12.77 -23.18 -2.98
CA LEU B 123 11.86 -24.15 -2.40
C LEU B 123 11.63 -25.30 -3.39
N ALA B 124 11.61 -25.00 -4.68
CA ALA B 124 11.45 -26.06 -5.66
C ALA B 124 12.61 -27.05 -5.56
N CYS B 125 13.83 -26.54 -5.41
CA CYS B 125 15.02 -27.40 -5.31
C CYS B 125 14.99 -28.29 -4.07
N ILE B 126 14.62 -27.72 -2.94
CA ILE B 126 14.60 -28.46 -1.68
C ILE B 126 13.43 -29.43 -1.62
N LEU B 127 12.49 -29.29 -2.55
CA LEU B 127 11.31 -30.14 -2.58
C LEU B 127 11.19 -30.95 -3.89
N LYS B 128 12.28 -31.07 -4.63
CA LYS B 128 12.21 -31.56 -6.01
C LYS B 128 12.01 -33.08 -6.07
N ASP B 129 12.17 -33.75 -4.94
CA ASP B 129 11.89 -35.17 -4.85
C ASP B 129 10.74 -35.43 -3.88
N ASN B 130 9.81 -34.49 -3.84
CA ASN B 130 8.61 -34.64 -3.05
C ASN B 130 7.41 -34.30 -3.92
N ASP B 131 6.43 -35.19 -3.96
CA ASP B 131 5.26 -34.99 -4.78
C ASP B 131 4.00 -34.94 -3.91
N ASP B 132 4.21 -34.82 -2.61
CA ASP B 132 3.15 -34.60 -1.63
C ASP B 132 3.04 -33.12 -1.22
N VAL B 133 4.18 -32.44 -1.20
CA VAL B 133 4.26 -31.04 -0.78
C VAL B 133 4.79 -30.20 -1.93
N LEU B 134 3.88 -29.49 -2.59
CA LEU B 134 4.19 -28.78 -3.82
C LEU B 134 4.42 -27.29 -3.58
N VAL B 135 5.17 -26.67 -4.49
CA VAL B 135 5.39 -25.23 -4.45
C VAL B 135 5.16 -24.60 -5.82
N ASP B 136 4.51 -23.47 -5.84
CA ASP B 136 4.26 -22.76 -7.09
C ASP B 136 4.25 -21.25 -6.88
N LYS B 137 4.49 -20.51 -7.96
CA LYS B 137 4.40 -19.06 -7.94
C LYS B 137 2.92 -18.69 -8.01
N GLY B 138 2.51 -17.70 -7.24
CA GLY B 138 1.10 -17.40 -7.14
C GLY B 138 0.40 -18.49 -6.35
N LEU B 139 -0.88 -18.73 -6.63
CA LEU B 139 -1.66 -19.73 -5.90
C LEU B 139 -2.19 -20.82 -6.81
N PRO B 140 -2.29 -22.06 -6.29
CA PRO B 140 -2.92 -23.14 -7.07
C PRO B 140 -4.39 -22.81 -7.23
N PRO B 141 -5.01 -23.19 -8.36
CA PRO B 141 -6.38 -22.77 -8.67
C PRO B 141 -7.41 -22.98 -7.55
N HIS B 142 -7.30 -24.07 -6.79
CA HIS B 142 -8.24 -24.33 -5.70
C HIS B 142 -8.06 -23.34 -4.54
N LEU B 143 -6.83 -22.97 -4.25
CA LEU B 143 -6.57 -22.04 -3.15
C LEU B 143 -6.91 -20.60 -3.52
N LYS B 144 -6.79 -20.27 -4.80
CA LYS B 144 -7.11 -18.92 -5.29
C LYS B 144 -8.60 -18.64 -5.13
N LYS B 145 -9.43 -19.58 -5.61
CA LYS B 145 -10.87 -19.50 -5.47
C LYS B 145 -11.24 -19.46 -3.99
N ALA B 146 -10.65 -20.36 -3.21
CA ALA B 146 -10.95 -20.44 -1.79
C ALA B 146 -10.63 -19.12 -1.09
N LEU B 147 -9.58 -18.45 -1.57
CA LEU B 147 -9.13 -17.21 -0.96
C LEU B 147 -9.72 -15.99 -1.65
N THR B 148 -10.80 -16.20 -2.40
CA THR B 148 -11.48 -15.09 -3.07
C THR B 148 -12.79 -14.71 -2.35
N LEU B 149 -12.81 -13.53 -1.75
CA LEU B 149 -14.03 -13.01 -1.14
C LEU B 149 -14.90 -12.33 -2.20
N SER B 150 -16.19 -12.22 -1.94
CA SER B 150 -17.12 -11.59 -2.86
C SER B 150 -17.92 -10.49 -2.13
N ARG B 151 -17.96 -9.29 -2.71
CA ARG B 151 -18.69 -8.18 -2.07
C ARG B 151 -19.75 -7.58 -2.97
N GLU B 152 -21.01 -7.86 -2.68
CA GLU B 152 -22.09 -7.30 -3.48
C GLU B 152 -22.22 -5.80 -3.15
N CYS B 153 -22.16 -4.97 -4.17
CA CYS B 153 -22.15 -3.53 -3.98
C CYS B 153 -23.30 -2.89 -4.73
N ARG B 154 -24.35 -2.49 -4.01
CA ARG B 154 -25.47 -1.80 -4.65
C ARG B 154 -25.33 -0.29 -4.52
N ILE B 155 -25.25 0.37 -5.67
CA ILE B 155 -25.28 1.83 -5.73
C ILE B 155 -26.53 2.25 -6.49
N LYS B 156 -27.48 2.85 -5.79
CA LYS B 156 -28.78 3.21 -6.35
C LYS B 156 -29.43 2.00 -7.03
N ASP B 157 -29.53 2.06 -8.36
CA ASP B 157 -30.08 0.96 -9.15
C ASP B 157 -28.99 -0.01 -9.59
N THR B 158 -27.75 0.46 -9.61
CA THR B 158 -26.64 -0.37 -10.07
C THR B 158 -26.25 -1.44 -9.06
N LEU B 159 -26.11 -2.67 -9.55
CA LEU B 159 -25.60 -3.77 -8.76
C LEU B 159 -24.23 -4.18 -9.31
N ARG B 160 -23.27 -4.37 -8.41
CA ARG B 160 -21.93 -4.75 -8.84
C ARG B 160 -21.41 -5.84 -7.94
N GLU B 161 -21.05 -6.97 -8.55
CA GLU B 161 -20.42 -8.06 -7.85
C GLU B 161 -18.94 -7.77 -7.81
N ILE B 162 -18.41 -7.51 -6.62
CA ILE B 162 -17.01 -7.17 -6.49
C ILE B 162 -16.26 -8.40 -5.97
N LYS B 163 -15.22 -8.81 -6.72
CA LYS B 163 -14.45 -10.01 -6.42
C LYS B 163 -13.13 -9.64 -5.75
N ILE B 164 -12.82 -10.26 -4.61
CA ILE B 164 -11.66 -9.89 -3.81
C ILE B 164 -10.70 -11.06 -3.59
N PRO B 165 -9.76 -11.25 -4.54
CA PRO B 165 -8.84 -12.39 -4.43
C PRO B 165 -7.64 -12.04 -3.54
N ILE B 166 -7.60 -12.62 -2.34
CA ILE B 166 -6.54 -12.31 -1.38
C ILE B 166 -5.18 -12.69 -1.96
N GLU B 167 -4.21 -11.80 -1.77
CA GLU B 167 -2.90 -11.89 -2.42
C GLU B 167 -2.00 -13.00 -1.91
N GLY B 168 -1.41 -13.76 -2.84
CA GLY B 168 -0.29 -14.64 -2.54
C GLY B 168 0.73 -14.55 -3.66
N ASP B 169 1.99 -14.29 -3.35
CA ASP B 169 3.02 -14.23 -4.38
C ASP B 169 3.59 -15.63 -4.68
N LEU B 170 3.59 -16.49 -3.68
CA LEU B 170 3.92 -17.89 -3.87
C LEU B 170 3.37 -18.72 -2.72
N CYS B 171 3.36 -20.04 -2.90
CA CYS B 171 2.58 -20.93 -2.05
C CYS B 171 3.24 -22.32 -1.96
N VAL B 172 3.41 -22.83 -0.75
CA VAL B 172 3.72 -24.26 -0.64
C VAL B 172 2.54 -24.94 0.04
N PHE B 173 2.04 -25.99 -0.61
CA PHE B 173 0.75 -26.57 -0.26
C PHE B 173 0.70 -28.07 -0.41
N SER B 174 -0.23 -28.67 0.32
CA SER B 174 -0.45 -30.10 0.33
C SER B 174 -1.21 -30.54 -0.92
N ARG B 175 -0.67 -31.54 -1.61
CA ARG B 175 -1.31 -32.11 -2.78
C ARG B 175 -2.72 -32.63 -2.52
N SER B 176 -2.91 -33.28 -1.38
CA SER B 176 -4.21 -33.86 -1.04
C SER B 176 -5.21 -32.81 -0.55
N ASN B 177 -4.71 -31.62 -0.22
CA ASN B 177 -5.55 -30.51 0.24
C ASN B 177 -4.83 -29.17 0.07
N HIS B 178 -5.17 -28.43 -0.98
CA HIS B 178 -4.41 -27.23 -1.36
C HIS B 178 -4.65 -26.08 -0.37
N CME B 179 -5.64 -26.25 0.50
CA CME B 179 -5.92 -25.28 1.54
CB CME B 179 -7.33 -25.31 2.12
SG CME B 179 -8.42 -24.22 1.26
SD CME B 179 -8.33 -24.86 -0.73
CE CME B 179 -9.10 -26.44 -0.77
CZ CME B 179 -10.06 -26.60 -1.93
OH CME B 179 -11.36 -26.66 -1.36
C CME B 179 -4.95 -25.48 2.69
O CME B 179 -4.69 -24.61 3.53
N ASN B 180 -4.41 -26.69 2.75
CA ASN B 180 -3.31 -26.95 3.67
C ASN B 180 -2.08 -26.35 3.02
N ALA B 181 -1.78 -25.10 3.36
CA ALA B 181 -0.85 -24.31 2.57
C ALA B 181 -0.18 -23.19 3.35
N ILE B 182 1.02 -22.84 2.93
CA ILE B 182 1.70 -21.65 3.40
C ILE B 182 1.61 -20.63 2.28
N VAL B 183 0.86 -19.55 2.51
CA VAL B 183 0.76 -18.49 1.52
C VAL B 183 1.79 -17.41 1.82
N ILE B 184 2.62 -17.09 0.83
CA ILE B 184 3.70 -16.14 1.08
C ILE B 184 3.51 -14.84 0.30
N SER B 185 3.51 -13.73 1.04
CA SER B 185 3.52 -12.42 0.41
C SER B 185 4.90 -11.82 0.54
N ALA B 186 5.46 -11.40 -0.58
CA ALA B 186 6.81 -10.89 -0.57
C ALA B 186 6.87 -9.43 -1.01
N ALA B 187 7.84 -8.70 -0.46
CA ALA B 187 8.20 -7.37 -0.92
C ALA B 187 9.69 -7.16 -0.74
N THR B 188 10.35 -6.59 -1.75
CA THR B 188 11.78 -6.35 -1.64
C THR B 188 12.07 -5.31 -0.56
N ARG B 189 11.16 -4.35 -0.35
CA ARG B 189 11.25 -3.37 0.73
C ARG B 189 9.94 -3.23 1.48
N LEU B 190 10.00 -2.78 2.72
CA LEU B 190 8.81 -2.59 3.54
C LEU B 190 8.24 -1.17 3.43
N LYS B 191 8.89 -0.23 4.11
CA LYS B 191 8.37 1.13 4.22
C LYS B 191 6.90 1.15 4.65
N GLU B 192 6.15 2.18 4.26
CA GLU B 192 4.73 2.21 4.60
C GLU B 192 3.97 1.28 3.66
N VAL B 193 4.62 0.83 2.59
CA VAL B 193 3.96 -0.01 1.61
C VAL B 193 3.70 -1.42 2.19
N PHE B 194 4.43 -1.77 3.24
CA PHE B 194 4.19 -3.00 3.99
C PHE B 194 2.73 -3.05 4.42
N HIS B 195 2.17 -1.88 4.73
CA HIS B 195 0.77 -1.73 5.02
C HIS B 195 -0.14 -2.51 4.03
N ILE B 196 0.22 -2.52 2.75
CA ILE B 196 -0.56 -3.28 1.77
C ILE B 196 -0.72 -4.76 2.17
N GLY B 197 0.36 -5.36 2.66
CA GLY B 197 0.32 -6.75 3.09
C GLY B 197 -0.68 -6.86 4.23
N THR B 198 -0.77 -5.79 5.02
CA THR B 198 -1.60 -5.86 6.20
C THR B 198 -3.12 -5.92 5.87
N MSE B 199 -3.64 -5.29 4.81
CA MSE B 199 -5.09 -5.43 4.62
C MSE B 199 -5.41 -6.81 4.15
O MSE B 199 -6.51 -7.32 4.39
CB MSE B 199 -5.75 -4.43 3.63
CG MSE B 199 -5.23 -4.52 2.20
SE MSE B 199 -6.44 -3.70 0.92
CE MSE B 199 -7.17 -5.32 0.12
N TRP B 200 -4.45 -7.44 3.49
CA TRP B 200 -4.67 -8.78 2.96
C TRP B 200 -4.66 -9.76 4.12
N ALA B 201 -3.75 -9.53 5.07
CA ALA B 201 -3.73 -10.31 6.29
C ALA B 201 -5.05 -10.13 7.04
N LEU B 202 -5.53 -8.90 7.05
CA LEU B 202 -6.83 -8.58 7.64
C LEU B 202 -7.96 -9.32 6.91
N PHE B 203 -7.96 -9.28 5.58
CA PHE B 203 -8.97 -9.99 4.82
C PHE B 203 -8.87 -11.52 4.99
N SER B 204 -7.64 -12.00 5.16
CA SER B 204 -7.39 -13.40 5.40
C SER B 204 -8.08 -13.84 6.69
N ASP B 205 -7.91 -13.08 7.76
CA ASP B 205 -8.66 -13.34 8.99
C ASP B 205 -10.17 -13.24 8.79
N VAL B 206 -10.61 -12.25 8.04
CA VAL B 206 -12.04 -12.01 7.87
C VAL B 206 -12.72 -13.18 7.17
N ALA B 207 -12.01 -13.76 6.21
CA ALA B 207 -12.51 -14.91 5.47
C ALA B 207 -12.86 -16.08 6.39
N LYS B 208 -12.20 -16.14 7.55
CA LYS B 208 -12.45 -17.16 8.56
C LYS B 208 -13.49 -16.78 9.60
N ASP B 209 -13.87 -15.50 9.64
CA ASP B 209 -14.74 -14.99 10.73
C ASP B 209 -16.14 -14.68 10.19
N GLU B 210 -17.14 -15.40 10.67
CA GLU B 210 -18.48 -15.24 10.15
C GLU B 210 -19.07 -13.87 10.51
N TYR B 211 -18.74 -13.33 11.69
CA TYR B 211 -19.24 -12.01 12.08
C TYR B 211 -18.70 -10.96 11.13
N CYS B 212 -17.38 -11.00 10.91
CA CYS B 212 -16.70 -10.03 10.07
C CYS B 212 -17.18 -10.08 8.63
N LEU B 213 -17.53 -11.27 8.15
CA LEU B 213 -18.00 -11.40 6.77
C LEU B 213 -19.36 -10.75 6.62
N ASN B 214 -20.20 -10.97 7.62
CA ASN B 214 -21.54 -10.37 7.63
C ASN B 214 -21.47 -8.84 7.74
N LYS B 215 -20.59 -8.37 8.61
CA LYS B 215 -20.41 -6.94 8.84
C LYS B 215 -20.10 -6.16 7.56
N TRP B 216 -19.19 -6.69 6.73
CA TRP B 216 -18.77 -5.98 5.53
C TRP B 216 -19.46 -6.45 4.26
N GLY B 217 -20.48 -7.28 4.42
CA GLY B 217 -21.22 -7.80 3.29
C GLY B 217 -20.36 -8.69 2.41
N LEU B 218 -19.52 -9.49 3.05
CA LEU B 218 -18.62 -10.39 2.33
C LEU B 218 -19.09 -11.84 2.35
N LYS B 219 -18.86 -12.53 1.25
CA LYS B 219 -19.12 -13.97 1.15
C LYS B 219 -17.85 -14.74 0.79
N VAL B 220 -17.72 -15.92 1.40
CA VAL B 220 -16.61 -16.81 1.13
C VAL B 220 -17.17 -18.17 0.70
N GLU B 221 -16.37 -18.99 0.03
CA GLU B 221 -16.84 -20.31 -0.35
C GLU B 221 -16.87 -21.21 0.90
N SER B 222 -15.86 -21.07 1.76
CA SER B 222 -15.82 -21.79 3.04
C SER B 222 -14.77 -21.27 4.00
N SER B 223 -15.19 -20.87 5.19
CA SER B 223 -14.26 -20.41 6.22
C SER B 223 -13.52 -21.55 6.86
N GLU B 224 -14.18 -22.70 6.95
CA GLU B 224 -13.58 -23.88 7.56
C GLU B 224 -12.36 -24.34 6.77
N SER B 225 -12.48 -24.41 5.45
CA SER B 225 -11.40 -24.82 4.58
C SER B 225 -10.10 -24.08 4.86
N LEU B 226 -10.21 -22.77 5.11
CA LEU B 226 -9.03 -21.92 5.26
C LEU B 226 -8.32 -22.09 6.61
N LYS B 227 -8.86 -22.96 7.45
CA LYS B 227 -8.30 -23.17 8.80
C LYS B 227 -6.83 -23.60 8.75
N ASP B 228 -6.46 -24.32 7.70
CA ASP B 228 -5.10 -24.84 7.57
C ASP B 228 -4.22 -23.93 6.71
N THR B 229 -4.79 -22.83 6.25
CA THR B 229 -4.08 -21.88 5.40
C THR B 229 -3.37 -20.83 6.21
N MSE B 230 -2.06 -20.84 6.30
CA MSE B 230 -1.26 -19.91 7.01
C MSE B 230 -0.77 -18.77 6.10
O MSE B 230 -0.51 -19.06 4.97
CB MSE B 230 -0.07 -20.63 7.64
CG MSE B 230 0.63 -19.85 8.74
SE MSE B 230 1.72 -20.99 9.89
CE MSE B 230 0.34 -21.53 11.16
N TYR B 231 -0.66 -17.53 6.63
CA TYR B 231 -0.44 -16.33 5.86
C TYR B 231 0.80 -15.60 6.37
N VAL B 232 1.87 -15.63 5.59
CA VAL B 232 3.14 -15.09 6.06
C VAL B 232 3.71 -14.08 5.08
N PHE B 233 4.66 -13.29 5.57
CA PHE B 233 5.29 -12.29 4.76
C PHE B 233 6.80 -12.55 4.71
N ALA B 234 7.41 -12.27 3.56
CA ALA B 234 8.86 -12.34 3.41
C ALA B 234 9.39 -11.06 2.79
N THR B 235 10.49 -10.54 3.31
CA THR B 235 11.10 -9.36 2.74
C THR B 235 12.61 -9.48 2.59
N ALA B 236 13.16 -8.70 1.68
CA ALA B 236 14.59 -8.65 1.46
C ALA B 236 15.20 -7.48 2.18
N ASP B 237 14.33 -6.54 2.55
CA ASP B 237 14.74 -5.33 3.23
C ASP B 237 15.88 -4.69 2.44
N MSE B 238 15.79 -4.55 1.12
CA MSE B 238 16.96 -3.98 0.47
C MSE B 238 16.90 -2.46 0.35
O MSE B 238 16.34 -1.89 -0.61
CB MSE B 238 17.20 -4.65 -0.87
CG MSE B 238 16.06 -4.59 -1.87
SE MSE B 238 16.63 -5.76 -3.40
CE MSE B 238 16.67 -7.28 -2.21
N ILE B 239 17.47 -1.85 1.38
CA ILE B 239 17.94 -0.47 1.41
C ILE B 239 19.46 -0.47 1.40
N ASN B 240 20.04 -0.15 0.25
CA ASN B 240 21.48 -0.03 0.10
C ASN B 240 22.09 0.96 1.10
N LYS B 241 22.86 0.43 2.06
CA LYS B 241 23.47 1.25 3.11
C LYS B 241 24.34 2.37 2.61
N ASP B 242 24.92 2.18 1.43
CA ASP B 242 25.88 3.12 0.87
C ASP B 242 25.19 4.16 0.00
N GLY B 243 23.90 4.35 0.22
CA GLY B 243 23.16 5.40 -0.45
C GLY B 243 23.54 6.75 0.12
N ALA B 244 23.51 7.77 -0.73
CA ALA B 244 23.77 9.13 -0.30
C ALA B 244 22.66 9.57 0.65
N ARG B 245 23.04 9.88 1.89
CA ARG B 245 22.12 10.28 2.95
C ARG B 245 21.11 9.17 3.21
N SER B 246 21.59 7.93 3.25
CA SER B 246 20.71 6.79 3.43
C SER B 246 20.10 6.80 4.82
N GLN B 247 18.81 6.52 4.91
CA GLN B 247 18.13 6.53 6.21
C GLN B 247 17.98 5.19 6.85
N GLY B 248 18.53 4.17 6.21
CA GLY B 248 18.61 2.85 6.80
C GLY B 248 17.51 1.86 6.43
N CYS B 249 17.66 0.63 6.94
CA CYS B 249 16.69 -0.42 6.66
C CYS B 249 15.57 -0.47 7.66
N ASP B 250 14.57 -1.29 7.33
CA ASP B 250 13.38 -1.43 8.16
C ASP B 250 13.47 -2.65 9.08
N VAL B 251 14.36 -3.59 8.77
CA VAL B 251 14.50 -4.80 9.60
C VAL B 251 15.90 -4.96 10.16
N GLU B 252 16.90 -4.72 9.31
CA GLU B 252 18.29 -4.75 9.77
C GLU B 252 18.61 -3.51 10.63
N ARG B 253 18.22 -3.58 11.91
CA ARG B 253 18.50 -2.56 12.93
C ARG B 253 18.22 -3.19 14.28
N GLU B 254 18.47 -2.46 15.36
CA GLU B 254 18.41 -3.04 16.71
C GLU B 254 17.03 -3.58 17.05
N THR B 255 16.00 -2.79 16.74
CA THR B 255 14.62 -3.20 16.95
C THR B 255 13.71 -2.48 15.97
N PRO B 256 12.81 -3.23 15.30
CA PRO B 256 11.91 -2.67 14.29
C PRO B 256 11.01 -1.60 14.88
N ARG B 257 10.69 -0.57 14.10
CA ARG B 257 9.90 0.53 14.65
C ARG B 257 8.43 0.15 14.81
N ASN B 258 7.72 0.96 15.60
CA ASN B 258 6.32 0.72 15.95
C ASN B 258 5.43 0.30 14.79
N LEU B 259 5.34 1.12 13.79
CA LEU B 259 4.39 0.85 12.78
C LEU B 259 4.87 -0.28 11.82
N ILE B 260 6.16 -0.55 11.83
CA ILE B 260 6.68 -1.71 11.13
C ILE B 260 6.25 -2.95 11.91
N ALA B 261 6.47 -2.93 13.21
CA ALA B 261 6.04 -4.00 14.08
C ALA B 261 4.57 -4.40 13.88
N MSE B 262 3.68 -3.42 13.67
CA MSE B 262 2.26 -3.76 13.66
C MSE B 262 1.93 -4.54 12.42
O MSE B 262 0.99 -5.31 12.48
CB MSE B 262 1.27 -2.60 13.65
CG MSE B 262 1.37 -1.85 12.34
SE MSE B 262 0.05 -0.50 12.14
CE MSE B 262 -1.40 -1.76 11.67
N ASP B 263 2.60 -4.27 11.31
CA ASP B 263 2.22 -4.94 10.07
C ASP B 263 2.63 -6.39 10.23
N ALA B 264 3.81 -6.56 10.81
CA ALA B 264 4.35 -7.87 11.12
C ALA B 264 3.42 -8.59 12.07
N SER B 265 2.77 -7.83 12.94
CA SER B 265 1.95 -8.40 14.01
C SER B 265 0.66 -9.04 13.49
N PHE B 266 0.23 -8.65 12.29
CA PHE B 266 -1.00 -9.19 11.73
C PHE B 266 -0.74 -10.36 10.78
N PHE B 267 0.53 -10.61 10.50
CA PHE B 267 0.91 -11.82 9.78
C PHE B 267 1.15 -12.94 10.77
N ASP B 268 1.02 -14.18 10.31
CA ASP B 268 1.36 -15.32 11.15
C ASP B 268 2.85 -15.31 11.42
N TYR B 269 3.65 -15.15 10.37
CA TYR B 269 5.11 -15.02 10.51
C TYR B 269 5.61 -13.97 9.53
N VAL B 270 6.76 -13.38 9.82
CA VAL B 270 7.42 -12.52 8.84
C VAL B 270 8.90 -12.87 8.73
N PHE B 271 9.37 -13.05 7.49
CA PHE B 271 10.78 -13.41 7.24
C PHE B 271 11.59 -12.32 6.59
N VAL B 272 12.90 -12.31 6.89
CA VAL B 272 13.83 -11.42 6.22
C VAL B 272 15.00 -12.24 5.68
N SER B 273 15.31 -12.05 4.40
CA SER B 273 16.45 -12.73 3.80
C SER B 273 17.77 -12.09 4.26
N LYS B 274 17.96 -12.03 5.56
CA LYS B 274 19.19 -11.52 6.19
C LYS B 274 19.51 -12.35 7.44
N MSE B 275 20.78 -12.37 7.85
CA MSE B 275 21.21 -13.37 8.83
C MSE B 275 21.81 -12.77 10.11
O MSE B 275 21.71 -13.38 11.19
CB MSE B 275 22.22 -14.34 8.16
CG MSE B 275 22.85 -15.40 9.08
SE MSE B 275 24.10 -16.67 8.12
CE MSE B 275 25.62 -15.39 7.84
N GLY B 276 22.43 -11.61 10.05
CA GLY B 276 23.15 -11.11 11.21
C GLY B 276 22.38 -10.33 12.26
N ILE B 277 21.05 -10.31 12.17
CA ILE B 277 20.26 -9.37 12.97
C ILE B 277 19.85 -9.91 14.33
N GLY B 278 20.07 -9.11 15.37
CA GLY B 278 19.82 -9.52 16.73
C GLY B 278 18.39 -9.94 17.06
N HIS B 279 17.42 -9.07 16.77
CA HIS B 279 16.04 -9.33 17.16
C HIS B 279 15.37 -10.38 16.25
N VAL B 280 16.01 -10.68 15.13
CA VAL B 280 15.48 -11.68 14.22
C VAL B 280 15.77 -13.09 14.74
N SER B 281 14.72 -13.89 14.89
CA SER B 281 14.86 -15.29 15.31
C SER B 281 15.46 -16.14 14.18
N SER B 282 16.28 -17.11 14.55
CA SER B 282 16.80 -18.11 13.61
C SER B 282 16.20 -19.48 13.92
N ASP B 283 15.37 -19.53 14.95
CA ASP B 283 14.70 -20.75 15.41
C ASP B 283 13.20 -20.65 15.24
N LEU B 284 12.58 -21.67 14.67
CA LEU B 284 11.13 -21.65 14.50
C LEU B 284 10.45 -22.94 14.99
N SER B 285 9.43 -22.77 15.83
CA SER B 285 8.64 -23.86 16.38
C SER B 285 7.16 -23.50 16.35
N LEU B 286 6.40 -24.10 15.45
CA LEU B 286 4.99 -23.80 15.31
C LEU B 286 4.22 -24.08 16.59
N LYS B 287 4.64 -25.13 17.28
CA LYS B 287 3.95 -25.65 18.45
C LYS B 287 4.07 -24.78 19.70
N TYR B 288 5.25 -24.23 19.96
CA TYR B 288 5.40 -23.42 21.17
C TYR B 288 5.24 -21.92 20.91
N GLY B 289 4.93 -21.57 19.67
CA GLY B 289 4.53 -20.20 19.35
C GLY B 289 5.56 -19.32 18.68
N ARG B 290 5.08 -18.22 18.11
CA ARG B 290 5.92 -17.26 17.41
C ARG B 290 7.02 -16.72 18.33
N GLU B 291 8.27 -16.98 17.97
CA GLU B 291 9.40 -16.59 18.80
C GLU B 291 9.71 -15.10 18.70
N SER B 292 9.30 -14.49 17.58
CA SER B 292 9.67 -13.12 17.28
C SER B 292 8.86 -12.58 16.12
N LEU B 293 8.65 -11.27 16.09
CA LEU B 293 8.00 -10.64 14.96
C LEU B 293 8.75 -10.93 13.66
N PHE B 294 10.06 -11.10 13.74
CA PHE B 294 10.83 -11.41 12.54
C PHE B 294 11.64 -12.73 12.62
N HIS B 295 11.62 -13.49 11.53
CA HIS B 295 12.42 -14.72 11.40
C HIS B 295 13.33 -14.66 10.19
N GLU B 296 14.50 -15.30 10.28
CA GLU B 296 15.34 -15.49 9.09
C GLU B 296 14.59 -16.34 8.06
N LEU B 297 14.74 -16.00 6.78
CA LEU B 297 13.99 -16.68 5.72
C LEU B 297 14.21 -18.20 5.72
N GLY B 298 15.43 -18.63 6.05
CA GLY B 298 15.74 -20.04 6.12
C GLY B 298 14.83 -20.83 7.05
N CYS B 299 14.28 -20.16 8.06
CA CYS B 299 13.33 -20.78 8.97
C CYS B 299 12.05 -21.25 8.29
N ILE B 300 11.84 -20.85 7.04
CA ILE B 300 10.63 -21.30 6.33
C ILE B 300 10.73 -22.79 5.98
N ILE B 301 11.95 -23.30 5.89
CA ILE B 301 12.15 -24.73 5.66
C ILE B 301 11.72 -25.50 6.90
N ASP B 302 12.03 -24.93 8.07
CA ASP B 302 11.59 -25.52 9.33
C ASP B 302 10.05 -25.53 9.44
N MSE B 303 9.32 -24.49 9.01
CA MSE B 303 7.86 -24.62 9.23
C MSE B 303 7.26 -25.49 8.14
O MSE B 303 6.19 -26.06 8.33
CB MSE B 303 7.07 -23.28 9.29
CG MSE B 303 6.61 -22.73 7.94
SE MSE B 303 5.59 -21.02 8.05
CE MSE B 303 7.13 -20.10 8.73
N ILE B 304 7.93 -25.56 7.00
CA ILE B 304 7.48 -26.46 5.94
C ILE B 304 7.54 -27.88 6.48
N GLU B 305 8.69 -28.22 7.07
CA GLU B 305 8.88 -29.53 7.70
C GLU B 305 7.88 -29.80 8.83
N GLN B 306 7.71 -28.85 9.74
CA GLN B 306 6.87 -29.08 10.90
C GLN B 306 5.37 -29.16 10.56
N LYS B 307 4.96 -28.43 9.53
CA LYS B 307 3.55 -28.38 9.16
C LYS B 307 3.12 -29.60 8.38
N PHE B 308 3.90 -29.95 7.36
CA PHE B 308 3.53 -31.01 6.46
C PHE B 308 4.13 -32.35 6.88
N ASP B 309 4.77 -32.35 8.04
CA ASP B 309 5.38 -33.56 8.61
C ASP B 309 6.31 -34.26 7.63
N ILE B 310 7.31 -33.53 7.13
CA ILE B 310 8.32 -34.09 6.24
C ILE B 310 9.73 -33.69 6.67
N LEU B 311 10.73 -34.21 5.98
CA LEU B 311 12.12 -33.87 6.24
C LEU B 311 12.83 -33.47 4.95
N LEU B 312 13.67 -32.45 5.02
CA LEU B 312 14.39 -31.99 3.84
C LEU B 312 15.89 -31.86 4.11
CA CA E . -2.01 10.07 1.41
CA CA F . -15.05 32.76 16.60
CA CA G . 0.66 40.24 2.56
CA CA H . 4.27 -8.84 -3.11
#